data_4Q2H
#
_entry.id   4Q2H
#
_cell.length_a   67.430
_cell.length_b   129.470
_cell.length_c   178.703
_cell.angle_alpha   90.00
_cell.angle_beta   90.00
_cell.angle_gamma   90.00
#
_symmetry.space_group_name_H-M   'C 2 2 21'
#
loop_
_entity.id
_entity.type
_entity.pdbx_description
1 polymer 'Proline racemase protein'
2 non-polymer 'BICARBONATE ION'
3 non-polymer GLYCEROL
4 water water
#
_entity_poly.entity_id   1
_entity_poly.type   'polypeptide(L)'
_entity_poly.pdbx_seq_one_letter_code
;MHHHHHHSSGVDLGTENLYFQSMRWKRTIQLLDVHCEGEIGRVAIGGVPKIPGNTVAEQLHWLNTDPKGEELRRFLVLEP
RGAPIGSVNLLLPARHPDADAAFIILQPDQAHASSGSNSICVTTALLESGIVEMKEPETVVTLETAAGLVRATATCRDGR
CEKVRLTMVPSFVHELDVGIDTPQWGRIKLDLCYGGIFYALVDVGQIGLTIGKANAASLVQAGMVLKELINRTVPVVHPE
IPAISGVAYVMFRDIDADGAIRTCTTMWPGRADRSP(CSO)GTGNSANLATLHARGKARVGDVFKSRSIIGSEFEVGLQA
ETEVAGKPAIIPTITGRGFTFGLSQVALDPFDPMANGFALTDVWGPLAGDI
;
_entity_poly.pdbx_strand_id   A,B
#
loop_
_chem_comp.id
_chem_comp.type
_chem_comp.name
_chem_comp.formula
BCT non-polymer 'BICARBONATE ION' 'C H O3 -1'
GOL non-polymer GLYCEROL 'C3 H8 O3'
#
# COMPACT_ATOMS: atom_id res chain seq x y z
N SER A 22 8.93 -10.91 -19.87
CA SER A 22 7.65 -10.67 -19.11
C SER A 22 6.98 -9.39 -19.62
N MET A 23 7.75 -8.35 -19.79
CA MET A 23 7.22 -7.10 -20.27
C MET A 23 7.52 -6.96 -21.76
N ARG A 24 8.00 -8.04 -22.38
CA ARG A 24 8.33 -7.96 -23.80
C ARG A 24 7.03 -7.68 -24.46
N TRP A 25 7.06 -6.71 -25.36
CA TRP A 25 5.90 -6.38 -26.14
C TRP A 25 4.96 -5.45 -25.42
N LYS A 26 5.41 -4.91 -24.29
CA LYS A 26 4.53 -4.09 -23.49
C LYS A 26 5.03 -2.67 -23.38
N ARG A 27 4.10 -1.77 -23.35
CA ARG A 27 4.35 -0.35 -23.08
C ARG A 27 4.46 -0.22 -21.55
N THR A 28 5.56 0.34 -21.07
CA THR A 28 5.79 0.48 -19.61
C THR A 28 6.21 1.88 -19.21
N ILE A 29 6.00 2.19 -17.92
CA ILE A 29 6.56 3.36 -17.28
C ILE A 29 7.62 2.81 -16.32
N GLN A 30 8.76 3.46 -16.29
CA GLN A 30 9.90 3.05 -15.45
C GLN A 30 10.00 4.01 -14.30
N LEU A 31 10.10 3.46 -13.10
CA LEU A 31 10.16 4.30 -11.92
C LEU A 31 11.35 3.96 -11.05
N LEU A 32 11.86 4.99 -10.36
CA LEU A 32 12.78 4.82 -9.26
C LEU A 32 11.98 4.97 -7.99
N ASP A 33 12.07 3.97 -7.11
CA ASP A 33 11.31 4.02 -5.87
C ASP A 33 12.21 4.61 -4.79
N VAL A 34 11.79 5.76 -4.27
CA VAL A 34 12.53 6.52 -3.27
C VAL A 34 11.64 6.79 -2.08
N HIS A 35 12.22 6.83 -0.88
CA HIS A 35 11.51 7.43 0.23
C HIS A 35 12.26 8.59 0.81
N CYS A 36 11.50 9.52 1.34
CA CYS A 36 12.09 10.68 2.04
C CYS A 36 11.56 10.68 3.46
N GLU A 37 12.43 10.32 4.40
CA GLU A 37 12.07 10.27 5.82
C GLU A 37 10.86 9.39 6.05
N GLY A 38 10.78 8.30 5.26
CA GLY A 38 9.71 7.33 5.38
C GLY A 38 8.56 7.50 4.41
N GLU A 39 8.49 8.62 3.71
CA GLU A 39 7.40 8.93 2.82
C GLU A 39 7.79 8.59 1.38
N ILE A 40 6.99 7.74 0.74
CA ILE A 40 7.39 7.19 -0.56
C ILE A 40 7.09 8.15 -1.69
N GLY A 41 8.11 8.40 -2.50
CA GLY A 41 7.95 9.10 -3.77
C GLY A 41 8.50 8.27 -4.91
N ARG A 42 7.63 7.66 -5.69
CA ARG A 42 8.05 6.92 -6.85
C ARG A 42 8.26 7.94 -7.95
N VAL A 43 9.39 7.84 -8.63
CA VAL A 43 9.77 8.85 -9.61
C VAL A 43 9.79 8.27 -11.00
N ALA A 44 8.82 8.68 -11.82
CA ALA A 44 8.72 8.16 -13.17
C ALA A 44 9.74 8.79 -14.12
N ILE A 45 10.74 8.02 -14.51
CA ILE A 45 11.90 8.53 -15.26
C ILE A 45 11.94 8.09 -16.70
N GLY A 46 11.03 7.19 -17.08
CA GLY A 46 11.01 6.68 -18.43
C GLY A 46 9.59 6.26 -18.81
N GLY A 47 9.26 6.44 -20.07
CA GLY A 47 7.97 5.99 -20.58
C GLY A 47 6.78 6.81 -20.07
N VAL A 48 7.02 8.00 -19.52
CA VAL A 48 5.90 8.85 -19.13
C VAL A 48 5.18 9.31 -20.40
N PRO A 49 3.83 9.18 -20.45
CA PRO A 49 3.13 9.66 -21.65
C PRO A 49 3.22 11.16 -21.78
N LYS A 50 3.01 11.66 -23.00
CA LYS A 50 2.95 13.09 -23.23
C LYS A 50 1.72 13.63 -22.51
N ILE A 51 1.90 14.60 -21.64
CA ILE A 51 0.81 15.23 -20.89
C ILE A 51 0.54 16.58 -21.56
N PRO A 52 -0.65 16.74 -22.19
CA PRO A 52 -0.97 18.00 -22.89
C PRO A 52 -0.85 19.25 -22.03
N GLY A 53 -0.33 20.31 -22.66
CA GLY A 53 -0.05 21.58 -21.99
C GLY A 53 1.33 22.02 -22.40
N ASN A 54 1.56 23.32 -22.44
CA ASN A 54 2.87 23.85 -22.78
C ASN A 54 3.47 24.64 -21.63
N THR A 55 2.81 24.64 -20.47
CA THR A 55 3.40 25.03 -19.23
C THR A 55 3.07 23.93 -18.21
N VAL A 56 3.83 23.87 -17.14
CA VAL A 56 3.60 22.85 -16.11
C VAL A 56 2.27 23.11 -15.41
N ALA A 57 1.94 24.37 -15.17
CA ALA A 57 0.64 24.70 -14.59
C ALA A 57 -0.52 24.22 -15.49
N GLU A 58 -0.36 24.35 -16.82
CA GLU A 58 -1.35 23.84 -17.79
C GLU A 58 -1.48 22.33 -17.70
N GLN A 59 -0.35 21.66 -17.54
CA GLN A 59 -0.33 20.22 -17.45
C GLN A 59 -1.01 19.74 -16.17
N LEU A 60 -0.86 20.49 -15.07
CA LEU A 60 -1.52 20.20 -13.78
C LEU A 60 -3.04 20.37 -13.88
N HIS A 61 -3.46 21.48 -14.48
CA HIS A 61 -4.88 21.70 -14.72
C HIS A 61 -5.46 20.56 -15.55
N TRP A 62 -4.78 20.20 -16.64
CA TRP A 62 -5.21 19.11 -17.52
C TRP A 62 -5.39 17.77 -16.77
N LEU A 63 -4.39 17.39 -16.01
CA LEU A 63 -4.47 16.16 -15.22
C LEU A 63 -5.68 16.16 -14.31
N ASN A 64 -5.97 17.32 -13.72
CA ASN A 64 -7.09 17.47 -12.80
C ASN A 64 -8.45 17.75 -13.44
N THR A 65 -8.52 17.90 -14.76
CA THR A 65 -9.80 18.19 -15.39
C THR A 65 -10.13 17.27 -16.54
N ASP A 66 -9.13 16.79 -17.27
CA ASP A 66 -9.40 15.96 -18.43
C ASP A 66 -9.63 14.51 -18.03
N PRO A 67 -10.63 13.84 -18.65
CA PRO A 67 -10.94 12.41 -18.40
C PRO A 67 -9.74 11.48 -18.57
N LYS A 68 -8.89 11.78 -19.55
CA LYS A 68 -7.71 10.94 -19.84
C LYS A 68 -6.68 11.12 -18.71
N GLY A 69 -6.64 12.33 -18.13
CA GLY A 69 -5.83 12.66 -16.98
C GLY A 69 -6.24 11.84 -15.76
N GLU A 70 -7.54 11.78 -15.50
CA GLU A 70 -8.05 10.98 -14.39
C GLU A 70 -7.76 9.49 -14.61
N GLU A 71 -7.98 9.03 -15.83
CA GLU A 71 -7.71 7.63 -16.21
CA GLU A 71 -7.71 7.62 -16.17
C GLU A 71 -6.26 7.24 -15.89
N LEU A 72 -5.32 8.11 -16.26
CA LEU A 72 -3.91 7.82 -16.05
C LEU A 72 -3.57 7.78 -14.60
N ARG A 73 -4.03 8.78 -13.85
CA ARG A 73 -3.78 8.87 -12.42
C ARG A 73 -4.35 7.65 -11.69
N ARG A 74 -5.62 7.35 -11.97
CA ARG A 74 -6.30 6.19 -11.35
C ARG A 74 -5.52 4.92 -11.62
N PHE A 75 -5.11 4.74 -12.87
CA PHE A 75 -4.39 3.53 -13.27
C PHE A 75 -3.09 3.36 -12.44
N LEU A 76 -2.41 4.45 -12.17
CA LEU A 76 -1.11 4.39 -11.49
C LEU A 76 -1.20 4.37 -9.99
N VAL A 77 -2.22 5.02 -9.42
CA VAL A 77 -2.20 5.22 -7.98
C VAL A 77 -3.15 4.28 -7.24
N LEU A 78 -4.19 3.77 -7.88
CA LEU A 78 -5.16 2.93 -7.15
C LEU A 78 -4.78 1.45 -7.23
N GLU A 79 -5.45 0.62 -6.43
CA GLU A 79 -5.24 -0.84 -6.55
C GLU A 79 -5.65 -1.32 -7.94
N PRO A 80 -4.99 -2.36 -8.46
CA PRO A 80 -3.92 -3.16 -7.85
C PRO A 80 -2.52 -2.63 -8.08
N ARG A 81 -2.37 -1.63 -8.93
CA ARG A 81 -1.03 -1.12 -9.22
CA ARG A 81 -1.05 -1.04 -9.26
C ARG A 81 -0.44 -0.23 -8.14
N GLY A 82 -1.28 0.48 -7.39
CA GLY A 82 -0.81 1.44 -6.40
C GLY A 82 -1.32 1.10 -5.01
N ALA A 83 -0.73 1.73 -4.01
CA ALA A 83 -1.04 1.45 -2.64
C ALA A 83 -1.55 2.70 -1.96
N PRO A 84 -2.14 2.56 -0.77
CA PRO A 84 -2.64 3.78 -0.14
C PRO A 84 -1.58 4.71 0.46
N ILE A 85 -0.33 4.30 0.44
CA ILE A 85 0.77 5.16 0.84
C ILE A 85 1.58 5.47 -0.41
N GLY A 86 2.21 6.64 -0.43
CA GLY A 86 3.13 7.04 -1.48
C GLY A 86 2.49 7.85 -2.58
N SER A 87 3.34 8.54 -3.31
CA SER A 87 2.91 9.32 -4.47
C SER A 87 3.68 8.84 -5.69
N VAL A 88 3.15 9.17 -6.88
CA VAL A 88 3.84 8.96 -8.15
C VAL A 88 4.19 10.31 -8.75
N ASN A 89 5.48 10.57 -8.91
CA ASN A 89 5.96 11.84 -9.46
C ASN A 89 6.24 11.68 -10.93
N LEU A 90 5.49 12.38 -11.78
CA LEU A 90 5.74 12.30 -13.21
C LEU A 90 6.79 13.32 -13.59
N LEU A 91 7.94 12.89 -14.07
CA LEU A 91 8.92 13.83 -14.62
C LEU A 91 8.44 14.25 -16.01
N LEU A 92 8.55 15.55 -16.28
CA LEU A 92 8.05 16.14 -17.51
C LEU A 92 9.12 17.09 -18.05
N PRO A 93 9.04 17.41 -19.35
CA PRO A 93 9.99 18.35 -19.92
C PRO A 93 9.96 19.69 -19.20
N ALA A 94 11.15 20.20 -18.88
CA ALA A 94 11.32 21.54 -18.38
C ALA A 94 10.92 22.56 -19.43
N ARG A 95 10.23 23.61 -18.98
CA ARG A 95 9.87 24.72 -19.84
C ARG A 95 10.74 25.93 -19.56
N HIS A 96 10.89 26.27 -18.28
CA HIS A 96 11.69 27.42 -17.86
C HIS A 96 13.16 27.18 -18.23
N PRO A 97 13.84 28.17 -18.81
CA PRO A 97 15.22 27.94 -19.27
C PRO A 97 16.21 27.53 -18.19
N ASP A 98 15.95 27.90 -16.94
CA ASP A 98 16.84 27.58 -15.83
C ASP A 98 16.53 26.25 -15.16
N ALA A 99 15.41 25.61 -15.51
CA ALA A 99 15.02 24.33 -14.89
C ALA A 99 15.72 23.11 -15.51
N ASP A 100 16.12 22.19 -14.63
CA ASP A 100 16.74 20.94 -15.02
C ASP A 100 15.69 19.90 -15.36
N ALA A 101 14.52 20.02 -14.73
CA ALA A 101 13.44 19.07 -14.94
C ALA A 101 12.19 19.68 -14.37
N ALA A 102 11.06 19.13 -14.75
CA ALA A 102 9.77 19.53 -14.19
C ALA A 102 9.06 18.28 -13.67
N PHE A 103 8.14 18.46 -12.74
CA PHE A 103 7.33 17.33 -12.26
C PHE A 103 6.03 17.77 -11.66
N ILE A 104 5.14 16.79 -11.55
CA ILE A 104 3.84 16.93 -10.94
C ILE A 104 3.59 15.69 -10.09
N ILE A 105 2.95 15.88 -8.95
CA ILE A 105 2.73 14.80 -7.98
C ILE A 105 1.34 14.19 -8.13
N LEU A 106 1.26 12.87 -8.34
CA LEU A 106 -0.03 12.19 -8.42
C LEU A 106 -0.36 11.49 -7.11
N GLN A 107 -1.56 11.73 -6.60
CA GLN A 107 -2.01 11.11 -5.37
C GLN A 107 -3.42 10.60 -5.59
N PRO A 108 -3.97 9.87 -4.62
CA PRO A 108 -5.33 9.33 -4.78
C PRO A 108 -6.43 10.38 -4.90
N ASP A 109 -6.22 11.54 -4.30
CA ASP A 109 -7.18 12.63 -4.37
C ASP A 109 -7.15 13.42 -5.66
N GLN A 110 -5.96 13.81 -6.12
CA GLN A 110 -5.77 14.63 -7.31
C GLN A 110 -4.27 14.69 -7.66
N ALA A 111 -3.92 15.38 -8.74
CA ALA A 111 -2.56 15.84 -8.97
C ALA A 111 -2.32 17.12 -8.18
N HIS A 112 -1.12 17.25 -7.61
CA HIS A 112 -0.77 18.39 -6.76
C HIS A 112 0.44 19.11 -7.33
N ALA A 113 0.47 20.41 -7.11
CA ALA A 113 1.57 21.22 -7.62
C ALA A 113 2.90 21.01 -6.92
N SER A 114 2.87 20.81 -5.60
CA SER A 114 4.05 20.91 -4.77
C SER A 114 4.10 19.85 -3.70
N SER A 115 5.32 19.50 -3.31
CA SER A 115 5.57 18.55 -2.23
C SER A 115 7.04 18.63 -1.86
N GLY A 116 7.32 18.87 -0.59
CA GLY A 116 8.69 18.85 -0.11
C GLY A 116 9.33 17.49 -0.19
N SER A 117 8.70 16.50 0.43
N SER A 117 8.70 16.49 0.42
CA SER A 117 9.22 15.13 0.42
CA SER A 117 9.27 15.15 0.44
C SER A 117 9.45 14.65 -1.00
C SER A 117 9.43 14.59 -0.98
N ASN A 118 8.46 14.86 -1.86
CA ASN A 118 8.56 14.42 -3.22
C ASN A 118 9.57 15.20 -4.05
N SER A 119 9.78 16.49 -3.79
CA SER A 119 10.88 17.20 -4.46
C SER A 119 12.23 16.59 -4.05
N ILE A 120 12.36 16.20 -2.78
CA ILE A 120 13.58 15.53 -2.32
C ILE A 120 13.73 14.18 -3.04
N CYS A 121 12.65 13.40 -3.13
CA CYS A 121 12.70 12.13 -3.85
C CYS A 121 13.11 12.36 -5.32
N VAL A 122 12.50 13.35 -5.96
CA VAL A 122 12.83 13.63 -7.36
C VAL A 122 14.30 13.98 -7.55
N THR A 123 14.79 14.87 -6.69
CA THR A 123 16.20 15.27 -6.75
C THR A 123 17.14 14.08 -6.57
N THR A 124 16.86 13.27 -5.56
CA THR A 124 17.65 12.10 -5.28
C THR A 124 17.70 11.16 -6.49
N ALA A 125 16.54 10.89 -7.06
CA ALA A 125 16.44 10.00 -8.21
C ALA A 125 17.16 10.53 -9.43
N LEU A 126 17.00 11.82 -9.69
CA LEU A 126 17.64 12.45 -10.87
C LEU A 126 19.15 12.35 -10.76
N LEU A 127 19.67 12.60 -9.56
CA LEU A 127 21.11 12.65 -9.36
C LEU A 127 21.73 11.27 -9.27
N GLU A 128 21.08 10.34 -8.57
CA GLU A 128 21.65 9.00 -8.41
C GLU A 128 21.57 8.20 -9.70
N SER A 129 20.50 8.40 -10.46
CA SER A 129 20.37 7.75 -11.79
C SER A 129 21.34 8.34 -12.79
N GLY A 130 21.78 9.56 -12.57
CA GLY A 130 22.69 10.23 -13.51
C GLY A 130 21.98 10.99 -14.61
N ILE A 131 20.65 11.05 -14.55
CA ILE A 131 19.87 11.87 -15.47
C ILE A 131 20.29 13.34 -15.35
N VAL A 132 20.50 13.80 -14.13
CA VAL A 132 21.20 15.06 -13.92
C VAL A 132 22.58 14.70 -13.38
N GLU A 133 23.61 15.33 -13.93
CA GLU A 133 25.00 15.03 -13.58
C GLU A 133 25.29 15.37 -12.11
N MET A 134 25.86 14.40 -11.39
CA MET A 134 26.15 14.60 -9.97
C MET A 134 27.51 15.24 -9.82
N LYS A 135 27.56 16.35 -9.09
CA LYS A 135 28.81 16.99 -8.71
C LYS A 135 28.97 16.88 -7.20
N GLU A 136 30.22 16.73 -6.75
CA GLU A 136 30.54 16.53 -5.34
C GLU A 136 31.49 17.67 -5.01
N PRO A 137 31.30 18.36 -3.86
CA PRO A 137 30.47 17.98 -2.73
C PRO A 137 29.00 18.40 -2.81
N GLU A 138 28.62 19.20 -3.80
CA GLU A 138 27.26 19.70 -3.86
C GLU A 138 26.77 19.87 -5.30
N THR A 139 25.50 19.55 -5.53
CA THR A 139 24.87 19.78 -6.84
C THR A 139 23.59 20.57 -6.65
N VAL A 140 23.42 21.66 -7.42
CA VAL A 140 22.18 22.38 -7.42
C VAL A 140 21.31 21.92 -8.57
N VAL A 141 20.13 21.43 -8.25
CA VAL A 141 19.14 20.98 -9.26
C VAL A 141 17.94 21.92 -9.20
N THR A 142 17.54 22.49 -10.33
CA THR A 142 16.39 23.41 -10.34
C THR A 142 15.17 22.67 -10.87
N LEU A 143 14.19 22.48 -10.01
CA LEU A 143 12.99 21.73 -10.39
C LEU A 143 11.85 22.68 -10.72
N GLU A 144 11.22 22.48 -11.87
CA GLU A 144 10.07 23.28 -12.22
C GLU A 144 8.76 22.63 -11.77
N THR A 145 8.02 23.36 -10.94
CA THR A 145 6.71 22.90 -10.51
C THR A 145 5.68 23.89 -11.01
N ALA A 146 4.42 23.48 -11.01
CA ALA A 146 3.31 24.40 -11.32
C ALA A 146 3.24 25.64 -10.36
N ALA A 147 3.84 25.53 -9.18
CA ALA A 147 3.86 26.63 -8.20
C ALA A 147 5.05 27.56 -8.39
N GLY A 148 5.98 27.19 -9.26
CA GLY A 148 7.22 27.93 -9.45
C GLY A 148 8.43 27.05 -9.37
N LEU A 149 9.59 27.67 -9.46
CA LEU A 149 10.87 26.97 -9.41
C LEU A 149 11.25 26.62 -7.98
N VAL A 150 11.70 25.38 -7.79
CA VAL A 150 12.25 24.92 -6.51
C VAL A 150 13.73 24.62 -6.71
N ARG A 151 14.58 25.35 -6.01
CA ARG A 151 16.02 25.09 -6.05
C ARG A 151 16.34 24.00 -5.06
N ALA A 152 16.89 22.91 -5.55
CA ALA A 152 17.24 21.78 -4.68
C ALA A 152 18.77 21.69 -4.57
N THR A 153 19.29 21.97 -3.37
CA THR A 153 20.73 21.97 -3.14
C THR A 153 21.11 20.66 -2.44
N ALA A 154 21.76 19.78 -3.20
CA ALA A 154 21.98 18.40 -2.80
C ALA A 154 23.42 18.18 -2.35
N THR A 155 23.58 17.62 -1.15
CA THR A 155 24.91 17.23 -0.64
C THR A 155 25.19 15.83 -1.18
N CYS A 156 26.27 15.70 -1.94
CA CYS A 156 26.57 14.51 -2.72
C CYS A 156 27.96 13.99 -2.45
N ARG A 157 28.09 12.67 -2.36
CA ARG A 157 29.39 12.04 -2.12
CA ARG A 157 29.38 12.04 -2.08
C ARG A 157 29.33 10.58 -2.53
N ASP A 158 30.38 10.14 -3.23
CA ASP A 158 30.51 8.75 -3.72
C ASP A 158 29.29 8.23 -4.47
N GLY A 159 28.72 9.07 -5.34
CA GLY A 159 27.55 8.72 -6.12
C GLY A 159 26.23 8.71 -5.38
N ARG A 160 26.21 9.22 -4.16
CA ARG A 160 24.98 9.22 -3.36
C ARG A 160 24.58 10.64 -3.07
N CYS A 161 23.29 10.91 -3.24
CA CYS A 161 22.69 12.16 -2.83
C CYS A 161 22.27 12.00 -1.35
N GLU A 162 23.12 12.49 -0.45
CA GLU A 162 22.93 12.28 1.00
C GLU A 162 21.76 13.04 1.60
N LYS A 163 21.60 14.29 1.21
CA LYS A 163 20.48 15.09 1.71
C LYS A 163 20.28 16.27 0.78
N VAL A 164 19.08 16.83 0.84
CA VAL A 164 18.66 17.88 -0.06
C VAL A 164 18.05 19.02 0.74
N ARG A 165 18.57 20.23 0.52
CA ARG A 165 17.96 21.45 1.03
C ARG A 165 17.16 22.12 -0.08
N LEU A 166 15.84 22.17 0.09
CA LEU A 166 14.98 22.85 -0.87
C LEU A 166 14.76 24.30 -0.52
N THR A 167 14.88 25.16 -1.51
CA THR A 167 14.36 26.53 -1.40
C THR A 167 12.94 26.45 -1.98
N MET A 168 11.95 26.54 -1.11
CA MET A 168 10.56 26.38 -1.49
C MET A 168 10.02 27.66 -2.12
N VAL A 169 8.88 27.52 -2.80
CA VAL A 169 8.23 28.66 -3.43
C VAL A 169 7.69 29.63 -2.37
N PRO A 170 7.41 30.88 -2.76
CA PRO A 170 6.94 31.86 -1.80
C PRO A 170 5.67 31.41 -1.07
N SER A 171 5.76 31.43 0.26
CA SER A 171 4.77 30.90 1.15
C SER A 171 4.18 32.08 1.93
N PHE A 172 2.89 32.01 2.26
CA PHE A 172 2.18 33.15 2.84
C PHE A 172 0.94 32.74 3.64
N VAL A 173 0.54 33.64 4.52
CA VAL A 173 -0.65 33.53 5.30
C VAL A 173 -1.86 34.10 4.52
N HIS A 174 -2.99 33.43 4.60
CA HIS A 174 -4.22 34.00 4.15
C HIS A 174 -4.99 34.58 5.35
N GLU A 175 -5.32 33.74 6.31
CA GLU A 175 -5.88 34.17 7.58
C GLU A 175 -5.50 33.25 8.73
N LEU A 176 -5.15 33.85 9.86
CA LEU A 176 -4.89 33.10 11.08
C LEU A 176 -6.15 33.01 11.90
N ASP A 177 -6.25 31.94 12.69
CA ASP A 177 -7.34 31.75 13.63
C ASP A 177 -8.72 31.94 13.00
N VAL A 178 -8.91 31.26 11.87
CA VAL A 178 -10.21 31.16 11.24
C VAL A 178 -11.04 30.21 12.09
N GLY A 179 -12.20 30.65 12.50
CA GLY A 179 -13.11 29.85 13.35
C GLY A 179 -13.95 28.91 12.52
N ILE A 180 -14.14 27.69 12.99
CA ILE A 180 -15.03 26.77 12.29
C ILE A 180 -15.79 25.92 13.30
N ASP A 181 -17.10 25.80 13.10
CA ASP A 181 -17.96 25.03 14.00
C ASP A 181 -17.87 23.56 13.62
N THR A 182 -17.72 22.69 14.61
CA THR A 182 -17.67 21.26 14.36
C THR A 182 -18.63 20.53 15.32
N PRO A 183 -19.30 19.48 14.83
CA PRO A 183 -20.16 18.71 15.72
C PRO A 183 -19.38 17.98 16.84
N GLN A 184 -18.20 17.47 16.52
CA GLN A 184 -17.41 16.71 17.50
C GLN A 184 -16.65 17.54 18.52
N TRP A 185 -16.01 18.63 18.09
CA TRP A 185 -15.11 19.36 19.00
C TRP A 185 -15.54 20.79 19.33
N GLY A 186 -16.73 21.19 18.88
CA GLY A 186 -17.17 22.58 19.04
C GLY A 186 -16.45 23.48 18.04
N ARG A 187 -16.30 24.76 18.41
CA ARG A 187 -15.65 25.72 17.55
C ARG A 187 -14.13 25.58 17.70
N ILE A 188 -13.43 25.45 16.60
CA ILE A 188 -11.96 25.39 16.66
C ILE A 188 -11.38 26.37 15.69
N LYS A 189 -10.08 26.58 15.84
CA LYS A 189 -9.36 27.58 15.09
C LYS A 189 -8.39 26.91 14.17
N LEU A 190 -8.24 27.48 12.99
CA LEU A 190 -7.25 27.01 12.03
C LEU A 190 -6.59 28.20 11.35
N ASP A 191 -5.38 27.99 10.86
CA ASP A 191 -4.71 28.97 10.04
C ASP A 191 -4.88 28.54 8.60
N LEU A 192 -5.40 29.43 7.77
CA LEU A 192 -5.40 29.19 6.32
C LEU A 192 -4.18 29.82 5.72
N CYS A 193 -3.38 29.01 5.04
CA CYS A 193 -2.10 29.48 4.56
C CYS A 193 -1.58 28.60 3.40
N TYR A 194 -0.48 29.05 2.80
CA TYR A 194 0.05 28.48 1.55
C TYR A 194 1.52 28.16 1.65
N GLY A 195 1.88 26.92 1.33
CA GLY A 195 3.29 26.51 1.28
C GLY A 195 3.65 25.80 -0.01
N GLY A 196 3.04 26.21 -1.12
CA GLY A 196 3.22 25.54 -2.42
C GLY A 196 1.94 24.80 -2.79
N ILE A 197 1.14 24.52 -1.76
CA ILE A 197 -0.29 24.16 -1.88
C ILE A 197 -0.98 24.72 -0.63
N PHE A 198 -2.30 24.78 -0.61
CA PHE A 198 -3.03 25.37 0.52
C PHE A 198 -3.26 24.39 1.69
N TYR A 199 -3.12 24.91 2.91
CA TYR A 199 -3.26 24.15 4.14
C TYR A 199 -4.26 24.77 5.07
N ALA A 200 -4.92 23.91 5.86
CA ALA A 200 -5.53 24.30 7.13
C ALA A 200 -4.66 23.70 8.23
N LEU A 201 -4.06 24.56 9.06
CA LEU A 201 -3.21 24.11 10.15
C LEU A 201 -3.97 24.24 11.45
N VAL A 202 -3.95 23.15 12.23
CA VAL A 202 -4.77 23.01 13.40
C VAL A 202 -3.94 22.55 14.60
N ASP A 203 -3.83 23.40 15.64
CA ASP A 203 -3.28 22.95 16.92
C ASP A 203 -4.06 21.71 17.39
N VAL A 204 -3.34 20.63 17.58
CA VAL A 204 -3.96 19.31 17.77
C VAL A 204 -4.66 19.13 19.11
N GLY A 205 -4.29 19.92 20.12
CA GLY A 205 -5.00 19.87 21.42
C GLY A 205 -6.49 20.19 21.29
N GLN A 206 -6.86 20.93 20.25
CA GLN A 206 -8.26 21.29 20.04
C GLN A 206 -9.13 20.08 19.73
N ILE A 207 -8.54 19.00 19.24
CA ILE A 207 -9.31 17.77 19.00
C ILE A 207 -9.06 16.68 20.05
N GLY A 208 -8.37 17.04 21.13
CA GLY A 208 -8.19 16.16 22.26
C GLY A 208 -7.30 14.96 21.99
N LEU A 209 -6.40 15.06 21.01
CA LEU A 209 -5.44 14.01 20.69
C LEU A 209 -4.01 14.54 20.71
N THR A 210 -3.05 13.67 20.92
CA THR A 210 -1.64 14.01 20.73
C THR A 210 -1.14 13.35 19.44
N ILE A 211 -0.10 13.90 18.84
CA ILE A 211 0.46 13.32 17.63
C ILE A 211 1.43 12.19 18.03
N GLY A 212 1.07 10.98 17.67
CA GLY A 212 1.88 9.81 17.94
C GLY A 212 1.33 8.64 17.12
N LYS A 213 2.16 7.62 16.94
CA LYS A 213 1.81 6.47 16.11
C LYS A 213 0.51 5.81 16.60
N ALA A 214 0.28 5.76 17.92
CA ALA A 214 -0.92 5.08 18.46
C ALA A 214 -2.22 5.80 18.06
N ASN A 215 -2.12 7.07 17.67
CA ASN A 215 -3.30 7.85 17.30
C ASN A 215 -3.44 8.06 15.79
N ALA A 216 -2.72 7.29 14.98
CA ALA A 216 -2.71 7.52 13.53
C ALA A 216 -4.12 7.49 12.93
N ALA A 217 -4.89 6.46 13.26
CA ALA A 217 -6.22 6.28 12.68
C ALA A 217 -7.17 7.39 13.12
N SER A 218 -7.13 7.73 14.40
CA SER A 218 -8.02 8.76 14.94
CA SER A 218 -8.00 8.77 14.96
C SER A 218 -7.64 10.16 14.44
N LEU A 219 -6.35 10.45 14.30
CA LEU A 219 -5.91 11.73 13.73
C LEU A 219 -6.37 11.88 12.31
N VAL A 220 -6.22 10.81 11.52
CA VAL A 220 -6.66 10.83 10.14
C VAL A 220 -8.18 11.01 10.00
N GLN A 221 -8.96 10.30 10.83
CA GLN A 221 -10.41 10.46 10.88
C GLN A 221 -10.80 11.91 11.14
N ALA A 222 -10.13 12.56 12.09
CA ALA A 222 -10.43 13.96 12.39
C ALA A 222 -10.06 14.87 11.21
N GLY A 223 -8.90 14.61 10.60
CA GLY A 223 -8.40 15.34 9.45
C GLY A 223 -9.35 15.27 8.27
N MET A 224 -9.92 14.10 8.05
CA MET A 224 -10.91 13.93 6.98
C MET A 224 -12.24 14.65 7.24
N VAL A 225 -12.76 14.59 8.47
CA VAL A 225 -13.94 15.36 8.83
C VAL A 225 -13.70 16.83 8.59
N LEU A 226 -12.55 17.33 9.04
CA LEU A 226 -12.24 18.73 8.85
C LEU A 226 -12.02 19.11 7.39
N LYS A 227 -11.29 18.29 6.63
CA LYS A 227 -11.09 18.56 5.20
C LYS A 227 -12.43 18.68 4.44
N GLU A 228 -13.38 17.78 4.73
CA GLU A 228 -14.67 17.83 4.02
CA GLU A 228 -14.70 17.82 4.04
C GLU A 228 -15.39 19.13 4.36
N LEU A 229 -15.44 19.46 5.65
CA LEU A 229 -16.09 20.70 6.09
C LEU A 229 -15.44 21.95 5.51
N ILE A 230 -14.11 21.97 5.50
CA ILE A 230 -13.36 23.10 4.99
C ILE A 230 -13.49 23.26 3.47
N ASN A 231 -13.36 22.16 2.73
CA ASN A 231 -13.43 22.21 1.27
C ASN A 231 -14.81 22.68 0.82
N ARG A 232 -15.82 22.30 1.58
CA ARG A 232 -17.19 22.71 1.27
C ARG A 232 -17.44 24.19 1.54
N THR A 233 -16.82 24.75 2.58
CA THR A 233 -17.21 26.10 3.02
C THR A 233 -16.11 27.16 2.90
N VAL A 234 -14.88 26.74 2.60
CA VAL A 234 -13.76 27.68 2.59
C VAL A 234 -12.95 27.54 1.30
N PRO A 235 -13.42 28.18 0.22
CA PRO A 235 -12.67 28.15 -1.03
C PRO A 235 -11.40 29.00 -0.92
N VAL A 236 -10.33 28.56 -1.55
CA VAL A 236 -9.08 29.34 -1.66
C VAL A 236 -8.49 29.13 -3.04
N VAL A 237 -7.84 30.16 -3.54
CA VAL A 237 -7.16 30.06 -4.83
C VAL A 237 -5.92 30.95 -4.81
N HIS A 238 -4.82 30.48 -5.39
CA HIS A 238 -3.60 31.29 -5.42
C HIS A 238 -3.90 32.51 -6.25
N PRO A 239 -3.53 33.71 -5.75
CA PRO A 239 -3.91 34.93 -6.44
C PRO A 239 -3.23 35.12 -7.82
N GLU A 240 -2.24 34.31 -8.17
CA GLU A 240 -1.55 34.45 -9.46
C GLU A 240 -1.42 33.13 -10.27
N ILE A 241 -1.83 32.00 -9.70
CA ILE A 241 -1.69 30.69 -10.32
C ILE A 241 -3.03 29.97 -10.13
N PRO A 242 -3.99 30.23 -11.05
CA PRO A 242 -5.36 29.70 -10.89
C PRO A 242 -5.46 28.18 -10.82
N ALA A 243 -4.47 27.47 -11.38
CA ALA A 243 -4.48 26.00 -11.35
C ALA A 243 -4.26 25.43 -9.94
N ILE A 244 -3.85 26.27 -8.99
CA ILE A 244 -3.60 25.81 -7.60
C ILE A 244 -4.70 26.36 -6.70
N SER A 245 -5.57 25.46 -6.26
CA SER A 245 -6.75 25.89 -5.51
C SER A 245 -7.24 24.80 -4.57
N GLY A 246 -7.99 25.24 -3.56
CA GLY A 246 -8.53 24.35 -2.55
C GLY A 246 -7.52 24.02 -1.48
N VAL A 247 -8.00 23.87 -0.25
CA VAL A 247 -7.19 23.31 0.83
C VAL A 247 -6.89 21.84 0.57
N ALA A 248 -5.65 21.53 0.26
CA ALA A 248 -5.25 20.16 -0.02
C ALA A 248 -5.33 19.27 1.21
N TYR A 249 -4.76 19.77 2.31
CA TYR A 249 -4.60 18.98 3.51
C TYR A 249 -4.91 19.77 4.78
N VAL A 250 -5.45 19.05 5.76
CA VAL A 250 -5.48 19.49 7.16
C VAL A 250 -4.23 18.91 7.83
N MET A 251 -3.39 19.79 8.37
CA MET A 251 -2.20 19.38 9.12
C MET A 251 -2.37 19.74 10.58
N PHE A 252 -2.33 18.72 11.42
CA PHE A 252 -2.28 18.92 12.84
C PHE A 252 -0.85 19.23 13.28
N ARG A 253 -0.73 20.10 14.28
CA ARG A 253 0.57 20.52 14.75
C ARG A 253 0.61 20.62 16.28
N ASP A 254 1.82 20.41 16.80
CA ASP A 254 2.10 20.54 18.22
C ASP A 254 3.58 20.87 18.36
N ILE A 255 4.03 20.96 19.60
CA ILE A 255 5.45 21.18 19.88
C ILE A 255 5.91 20.12 20.85
N ASP A 256 6.93 19.36 20.47
CA ASP A 256 7.49 18.28 21.31
C ASP A 256 8.27 18.87 22.48
N ALA A 257 8.63 18.01 23.41
CA ALA A 257 9.39 18.42 24.61
C ALA A 257 10.70 19.13 24.28
N ASP A 258 11.34 18.73 23.18
CA ASP A 258 12.60 19.36 22.76
C ASP A 258 12.40 20.56 21.85
N GLY A 259 11.16 20.94 21.60
CA GLY A 259 10.89 22.11 20.82
C GLY A 259 10.64 21.86 19.35
N ALA A 260 10.73 20.61 18.90
CA ALA A 260 10.46 20.33 17.50
C ALA A 260 8.99 20.60 17.21
N ILE A 261 8.74 21.06 15.99
CA ILE A 261 7.41 21.23 15.46
C ILE A 261 6.90 19.85 15.03
N ARG A 262 6.02 19.29 15.85
CA ARG A 262 5.45 17.99 15.59
CA ARG A 262 5.45 17.99 15.59
C ARG A 262 4.28 18.16 14.63
N THR A 263 4.24 17.36 13.56
CA THR A 263 3.17 17.48 12.58
C THR A 263 2.52 16.16 12.24
N CYS A 264 1.26 16.24 11.81
CA CYS A 264 0.59 15.11 11.19
C CYS A 264 -0.32 15.61 10.10
N THR A 265 0.16 15.54 8.86
CA THR A 265 -0.63 15.96 7.74
C THR A 265 -1.53 14.83 7.30
N THR A 266 -2.80 15.13 7.13
CA THR A 266 -3.78 14.09 6.80
C THR A 266 -4.18 14.25 5.36
N MET A 267 -4.19 13.14 4.62
CA MET A 267 -4.30 13.12 3.16
C MET A 267 -5.50 12.26 2.73
N TRP A 268 -6.31 12.78 1.81
CA TRP A 268 -7.51 12.12 1.35
C TRP A 268 -7.13 10.90 0.49
N PRO A 269 -7.86 9.79 0.64
CA PRO A 269 -9.09 9.54 1.42
C PRO A 269 -8.89 9.12 2.88
N GLY A 270 -7.67 9.18 3.36
CA GLY A 270 -7.44 9.12 4.78
C GLY A 270 -6.18 8.38 5.18
N ARG A 271 -5.04 9.06 5.08
CA ARG A 271 -3.80 8.58 5.68
C ARG A 271 -2.90 9.71 6.09
N ALA A 272 -1.93 9.40 6.92
CA ALA A 272 -0.96 10.40 7.40
C ALA A 272 0.27 10.46 6.51
N ASP A 273 0.77 11.65 6.26
CA ASP A 273 2.11 11.81 5.72
C ASP A 273 3.11 11.16 6.68
N ARG A 274 4.03 10.34 6.16
CA ARG A 274 5.09 9.78 6.98
C ARG A 274 6.20 10.79 7.25
N SER A 275 6.35 11.76 6.35
CA SER A 275 7.38 12.79 6.55
C SER A 275 6.84 13.94 7.41
N PRO A 276 7.73 14.84 7.85
CA PRO A 276 7.25 16.01 8.59
C PRO A 276 6.44 17.03 7.79
N CSO A 277 6.46 16.89 6.47
N CSO A 277 6.45 16.89 6.46
CA CSO A 277 5.61 17.66 5.54
CA CSO A 277 5.59 17.66 5.55
CB CSO A 277 4.21 17.95 6.10
CB CSO A 277 4.20 17.95 6.15
SG CSO A 277 3.16 18.49 4.78
SG CSO A 277 3.06 18.54 4.92
C CSO A 277 6.28 18.94 5.22
C CSO A 277 6.29 18.94 5.23
O CSO A 277 6.23 19.89 6.00
O CSO A 277 6.27 19.88 6.02
OD CSO A 277 2.65 16.97 4.11
OD CSO A 277 4.10 19.10 3.65
N GLY A 278 6.92 19.00 4.06
CA GLY A 278 7.66 20.20 3.66
C GLY A 278 6.79 21.39 3.32
N THR A 279 5.76 21.17 2.49
CA THR A 279 4.85 22.24 2.12
C THR A 279 4.03 22.73 3.34
N GLY A 280 3.65 21.80 4.23
CA GLY A 280 2.93 22.13 5.44
C GLY A 280 3.81 22.93 6.41
N ASN A 281 5.07 22.54 6.57
CA ASN A 281 6.01 23.33 7.37
C ASN A 281 6.27 24.71 6.77
N SER A 282 6.29 24.80 5.45
CA SER A 282 6.48 26.06 4.77
C SER A 282 5.31 27.00 5.11
N ALA A 283 4.10 26.46 5.04
CA ALA A 283 2.90 27.23 5.38
C ALA A 283 2.90 27.59 6.88
N ASN A 284 3.29 26.63 7.70
CA ASN A 284 3.36 26.88 9.12
C ASN A 284 4.41 27.95 9.45
N LEU A 285 5.54 27.90 8.77
CA LEU A 285 6.56 28.92 8.99
C LEU A 285 6.05 30.33 8.64
N ALA A 286 5.24 30.45 7.59
CA ALA A 286 4.59 31.73 7.31
C ALA A 286 3.71 32.20 8.49
N THR A 287 3.03 31.28 9.14
CA THR A 287 2.20 31.66 10.28
C THR A 287 3.07 32.09 11.45
N LEU A 288 4.16 31.36 11.71
CA LEU A 288 5.10 31.79 12.77
C LEU A 288 5.63 33.20 12.52
N HIS A 289 6.02 33.45 11.27
CA HIS A 289 6.50 34.75 10.88
C HIS A 289 5.45 35.84 11.14
N ALA A 290 4.19 35.56 10.81
CA ALA A 290 3.12 36.54 11.01
C ALA A 290 2.89 36.79 12.51
N ARG A 291 3.11 35.75 13.30
CA ARG A 291 2.97 35.86 14.75
C ARG A 291 4.19 36.49 15.44
N GLY A 292 5.21 36.88 14.69
CA GLY A 292 6.44 37.41 15.28
C GLY A 292 7.29 36.34 15.97
N LYS A 293 7.11 35.08 15.59
CA LYS A 293 7.81 33.97 16.22
C LYS A 293 8.93 33.38 15.36
N ALA A 294 9.15 33.94 14.17
CA ALA A 294 10.18 33.44 13.27
C ALA A 294 10.66 34.61 12.43
N ARG A 295 11.98 34.73 12.28
CA ARG A 295 12.64 35.81 11.59
C ARG A 295 13.57 35.22 10.56
N VAL A 296 13.95 36.02 9.57
CA VAL A 296 14.98 35.60 8.64
C VAL A 296 16.21 35.06 9.38
N GLY A 297 16.67 33.88 8.96
CA GLY A 297 17.84 33.25 9.55
C GLY A 297 17.50 32.16 10.55
N ASP A 298 16.27 32.14 11.02
CA ASP A 298 15.86 31.13 12.00
C ASP A 298 15.78 29.73 11.40
N VAL A 299 16.09 28.73 12.24
CA VAL A 299 15.99 27.34 11.84
CA VAL A 299 16.03 27.33 11.86
C VAL A 299 15.29 26.54 12.91
N PHE A 300 14.39 25.67 12.49
CA PHE A 300 13.58 24.85 13.39
C PHE A 300 13.74 23.41 12.97
N LYS A 301 13.42 22.49 13.88
CA LYS A 301 13.31 21.09 13.51
C LYS A 301 11.83 20.75 13.47
N SER A 302 11.41 19.91 12.51
CA SER A 302 10.07 19.37 12.52
C SER A 302 10.16 17.86 12.54
N ARG A 303 9.21 17.24 13.21
CA ARG A 303 9.15 15.79 13.40
C ARG A 303 7.77 15.28 13.02
N SER A 304 7.72 14.14 12.30
CA SER A 304 6.49 13.56 11.84
C SER A 304 5.89 12.65 12.89
N ILE A 305 4.75 12.07 12.53
CA ILE A 305 4.07 11.10 13.38
C ILE A 305 4.97 9.89 13.69
N ILE A 306 5.83 9.50 12.75
CA ILE A 306 6.77 8.38 12.98
C ILE A 306 8.14 8.79 13.52
N GLY A 307 8.31 10.08 13.83
CA GLY A 307 9.54 10.56 14.43
C GLY A 307 10.64 10.90 13.44
N SER A 308 10.33 10.90 12.15
CA SER A 308 11.31 11.33 11.17
C SER A 308 11.36 12.85 11.16
N GLU A 309 12.45 13.42 10.66
CA GLU A 309 12.75 14.83 10.91
C GLU A 309 13.18 15.61 9.65
N PHE A 310 12.80 16.89 9.60
CA PHE A 310 13.28 17.84 8.60
C PHE A 310 13.84 19.06 9.35
N GLU A 311 14.75 19.80 8.70
CA GLU A 311 15.16 21.14 9.13
C GLU A 311 14.38 22.15 8.32
N VAL A 312 13.85 23.13 9.00
CA VAL A 312 12.94 24.12 8.43
C VAL A 312 13.55 25.49 8.65
N GLY A 313 13.86 26.21 7.58
CA GLY A 313 14.53 27.49 7.70
C GLY A 313 13.73 28.65 7.08
N LEU A 314 13.93 29.85 7.62
CA LEU A 314 13.39 31.08 7.01
C LEU A 314 14.49 31.83 6.28
N GLN A 315 14.58 31.63 4.96
CA GLN A 315 15.68 32.20 4.19
C GLN A 315 15.52 33.68 3.91
N ALA A 316 14.31 34.12 3.57
CA ALA A 316 14.08 35.50 3.18
C ALA A 316 12.60 35.86 3.28
N GLU A 317 12.36 37.17 3.27
CA GLU A 317 11.02 37.75 3.15
C GLU A 317 10.80 38.14 1.69
N THR A 318 9.56 38.10 1.25
CA THR A 318 9.21 38.52 -0.10
C THR A 318 7.75 38.89 -0.10
N GLU A 319 7.17 39.06 -1.29
CA GLU A 319 5.76 39.38 -1.45
C GLU A 319 5.12 38.52 -2.52
N VAL A 320 3.86 38.17 -2.33
CA VAL A 320 3.06 37.47 -3.35
C VAL A 320 1.85 38.32 -3.59
N ALA A 321 1.75 38.86 -4.81
CA ALA A 321 0.63 39.72 -5.18
C ALA A 321 0.38 40.82 -4.15
N GLY A 322 1.45 41.48 -3.72
CA GLY A 322 1.36 42.58 -2.76
C GLY A 322 1.18 42.18 -1.30
N LYS A 323 1.08 40.88 -1.01
CA LYS A 323 0.86 40.37 0.35
C LYS A 323 2.19 39.97 0.95
N PRO A 324 2.36 40.10 2.28
CA PRO A 324 3.63 39.61 2.87
C PRO A 324 3.81 38.11 2.74
N ALA A 325 5.04 37.70 2.41
CA ALA A 325 5.34 36.31 2.24
C ALA A 325 6.77 36.02 2.71
N ILE A 326 7.13 34.74 2.66
CA ILE A 326 8.47 34.29 3.00
C ILE A 326 8.98 33.23 2.00
N ILE A 327 10.28 33.04 2.02
CA ILE A 327 10.95 31.97 1.29
C ILE A 327 11.46 30.97 2.32
N PRO A 328 10.79 29.83 2.44
CA PRO A 328 11.25 28.84 3.41
C PRO A 328 12.25 27.87 2.79
N THR A 329 13.04 27.20 3.62
CA THR A 329 13.83 26.06 3.18
C THR A 329 13.43 24.83 3.97
N ILE A 330 13.55 23.67 3.29
CA ILE A 330 13.21 22.38 3.86
C ILE A 330 14.37 21.44 3.57
N THR A 331 14.96 20.86 4.61
CA THR A 331 16.06 19.91 4.44
C THR A 331 15.69 18.53 4.96
N GLY A 332 15.92 17.53 4.10
CA GLY A 332 15.64 16.14 4.44
C GLY A 332 16.45 15.20 3.57
N ARG A 333 16.35 13.91 3.85
CA ARG A 333 17.17 12.90 3.14
C ARG A 333 16.26 12.05 2.26
N GLY A 334 16.73 11.78 1.05
CA GLY A 334 16.07 10.79 0.18
C GLY A 334 16.87 9.52 0.11
N PHE A 335 16.18 8.40 -0.06
CA PHE A 335 16.81 7.12 -0.13
C PHE A 335 16.14 6.26 -1.21
N THR A 336 16.91 5.90 -2.23
CA THR A 336 16.42 5.05 -3.31
C THR A 336 16.41 3.62 -2.82
N PHE A 337 15.23 3.01 -2.76
CA PHE A 337 15.12 1.65 -2.24
C PHE A 337 14.85 0.60 -3.30
N GLY A 338 14.55 1.02 -4.53
CA GLY A 338 14.30 0.07 -5.60
C GLY A 338 13.97 0.72 -6.93
N LEU A 339 13.65 -0.14 -7.88
CA LEU A 339 13.30 0.26 -9.23
C LEU A 339 12.00 -0.48 -9.49
N SER A 340 11.13 0.09 -10.32
CA SER A 340 9.93 -0.62 -10.74
C SER A 340 9.54 -0.22 -12.14
N GLN A 341 8.85 -1.13 -12.82
CA GLN A 341 8.29 -0.83 -14.12
C GLN A 341 6.83 -1.24 -14.02
N VAL A 342 5.94 -0.43 -14.58
CA VAL A 342 4.51 -0.73 -14.58
C VAL A 342 4.05 -0.76 -16.02
N ALA A 343 3.36 -1.83 -16.38
CA ALA A 343 2.83 -2.02 -17.74
C ALA A 343 1.63 -1.11 -17.93
N LEU A 344 1.61 -0.32 -19.01
CA LEU A 344 0.46 0.55 -19.31
C LEU A 344 -0.46 -0.25 -20.19
N ASP A 345 -1.40 -0.92 -19.55
CA ASP A 345 -2.28 -1.88 -20.20
C ASP A 345 -3.74 -1.50 -19.91
N PRO A 346 -4.38 -0.74 -20.83
CA PRO A 346 -5.79 -0.39 -20.61
C PRO A 346 -6.77 -1.57 -20.70
N PHE A 347 -6.28 -2.77 -21.05
CA PHE A 347 -7.12 -3.96 -21.12
C PHE A 347 -7.06 -4.85 -19.87
N ASP A 348 -6.28 -4.47 -18.86
CA ASP A 348 -6.37 -5.16 -17.59
C ASP A 348 -7.82 -5.02 -17.11
N PRO A 349 -8.44 -6.11 -16.63
CA PRO A 349 -9.84 -5.98 -16.19
C PRO A 349 -10.09 -4.97 -15.06
N MET A 350 -9.03 -4.57 -14.33
CA MET A 350 -9.14 -3.63 -13.27
C MET A 350 -8.37 -2.35 -13.58
N ALA A 351 -8.34 -2.02 -14.87
CA ALA A 351 -7.63 -0.80 -15.33
C ALA A 351 -8.18 0.47 -14.69
N ASN A 352 -9.45 0.45 -14.32
CA ASN A 352 -10.11 1.60 -13.70
C ASN A 352 -9.61 1.86 -12.30
N GLY A 353 -9.02 0.83 -11.69
CA GLY A 353 -8.50 0.94 -10.34
C GLY A 353 -9.60 0.93 -9.29
N PHE A 354 -9.22 0.60 -8.07
CA PHE A 354 -10.18 0.54 -6.96
C PHE A 354 -9.53 0.83 -5.60
N ALA A 355 -10.38 1.10 -4.60
CA ALA A 355 -9.92 1.32 -3.23
C ALA A 355 -11.01 0.84 -2.28
N LEU A 356 -10.62 0.55 -1.04
CA LEU A 356 -11.54 0.09 0.00
C LEU A 356 -11.20 0.75 1.32
N THR A 357 -12.20 0.89 2.19
CA THR A 357 -12.01 1.62 3.45
C THR A 357 -11.16 0.88 4.48
N ASP A 358 -10.84 -0.38 4.22
CA ASP A 358 -9.99 -1.10 5.17
C ASP A 358 -8.58 -0.52 5.26
N VAL A 359 -7.99 -0.19 4.12
CA VAL A 359 -6.62 0.31 4.10
C VAL A 359 -6.48 1.70 3.53
N TRP A 360 -7.52 2.23 2.87
CA TRP A 360 -7.40 3.52 2.21
C TRP A 360 -8.00 4.64 3.08
N GLY A 361 -8.61 4.30 4.21
CA GLY A 361 -9.19 5.34 5.05
C GLY A 361 -10.66 5.59 4.84
N PRO A 362 -11.25 6.44 5.69
CA PRO A 362 -12.71 6.44 5.83
C PRO A 362 -13.48 6.98 4.65
N LEU A 363 -12.83 7.75 3.79
CA LEU A 363 -13.49 8.29 2.60
C LEU A 363 -13.20 7.52 1.31
N ALA A 364 -12.61 6.33 1.43
CA ALA A 364 -12.26 5.51 0.25
C ALA A 364 -13.44 5.15 -0.67
N GLY A 365 -14.64 5.06 -0.12
CA GLY A 365 -15.82 4.80 -0.91
C GLY A 365 -16.16 5.89 -1.92
N ASP A 366 -15.56 7.06 -1.77
CA ASP A 366 -15.78 8.18 -2.72
C ASP A 366 -14.82 8.11 -3.90
N ILE A 367 -13.89 7.17 -3.86
CA ILE A 367 -13.03 6.95 -5.01
C ILE A 367 -13.82 6.30 -6.14
N THR B 28 20.33 -7.15 -4.80
CA THR B 28 18.88 -6.82 -5.01
C THR B 28 18.03 -8.08 -5.10
N ILE B 29 16.75 -7.96 -4.77
CA ILE B 29 15.77 -8.99 -5.05
C ILE B 29 14.92 -8.52 -6.22
N GLN B 30 14.73 -9.41 -7.18
CA GLN B 30 13.93 -9.16 -8.38
C GLN B 30 12.58 -9.80 -8.24
N LEU B 31 11.52 -9.01 -8.45
CA LEU B 31 10.16 -9.48 -8.28
C LEU B 31 9.35 -9.22 -9.54
N LEU B 32 8.44 -10.14 -9.83
CA LEU B 32 7.41 -9.89 -10.82
C LEU B 32 6.14 -9.57 -10.05
N ASP B 33 5.53 -8.44 -10.40
CA ASP B 33 4.35 -7.99 -9.69
C ASP B 33 3.12 -8.47 -10.44
N VAL B 34 2.34 -9.28 -9.74
CA VAL B 34 1.17 -9.96 -10.33
C VAL B 34 -0.02 -9.74 -9.42
N HIS B 35 -1.21 -9.69 -10.00
CA HIS B 35 -2.43 -9.80 -9.21
C HIS B 35 -3.31 -10.92 -9.71
N CYS B 36 -3.97 -11.55 -8.77
CA CYS B 36 -4.95 -12.58 -9.05
C CYS B 36 -6.31 -12.11 -8.58
N GLU B 37 -7.19 -11.78 -9.52
CA GLU B 37 -8.56 -11.29 -9.23
C GLU B 37 -8.52 -10.12 -8.21
N GLY B 38 -7.48 -9.29 -8.37
CA GLY B 38 -7.31 -8.07 -7.58
C GLY B 38 -6.40 -8.18 -6.37
N GLU B 39 -5.98 -9.39 -6.04
CA GLU B 39 -5.12 -9.64 -4.89
C GLU B 39 -3.66 -9.75 -5.31
N ILE B 40 -2.83 -8.89 -4.75
CA ILE B 40 -1.45 -8.79 -5.20
C ILE B 40 -0.56 -9.93 -4.65
N GLY B 41 0.20 -10.53 -5.54
CA GLY B 41 1.23 -11.50 -5.24
C GLY B 41 2.52 -11.13 -5.96
N ARG B 42 3.46 -10.56 -5.22
CA ARG B 42 4.75 -10.25 -5.82
C ARG B 42 5.56 -11.54 -5.76
N VAL B 43 6.13 -11.91 -6.91
CA VAL B 43 6.84 -13.17 -7.01
C VAL B 43 8.32 -12.89 -7.13
N ALA B 44 9.05 -13.23 -6.08
CA ALA B 44 10.52 -13.07 -6.07
C ALA B 44 11.21 -14.15 -6.87
N ILE B 45 11.68 -13.76 -8.05
CA ILE B 45 12.29 -14.68 -9.05
C ILE B 45 13.81 -14.66 -9.14
N GLY B 46 14.46 -13.75 -8.43
CA GLY B 46 15.91 -13.60 -8.47
C GLY B 46 16.42 -12.94 -7.21
N GLY B 47 17.60 -13.35 -6.78
CA GLY B 47 18.27 -12.76 -5.61
C GLY B 47 17.70 -13.17 -4.27
N VAL B 48 16.86 -14.19 -4.25
CA VAL B 48 16.34 -14.66 -2.99
C VAL B 48 17.47 -15.29 -2.18
N PRO B 49 17.61 -14.90 -0.91
CA PRO B 49 18.64 -15.52 -0.09
C PRO B 49 18.38 -17.01 0.17
N LYS B 50 19.43 -17.74 0.53
CA LYS B 50 19.28 -19.12 0.92
C LYS B 50 18.53 -19.16 2.23
N ILE B 51 17.48 -19.96 2.29
CA ILE B 51 16.64 -20.08 3.49
C ILE B 51 16.91 -21.44 4.11
N PRO B 52 17.52 -21.48 5.31
CA PRO B 52 17.89 -22.76 5.93
C PRO B 52 16.73 -23.76 6.08
N GLY B 53 17.03 -25.04 5.90
CA GLY B 53 16.02 -26.10 5.94
C GLY B 53 16.28 -27.13 4.86
N ASN B 54 16.01 -28.39 5.17
CA ASN B 54 16.15 -29.46 4.18
C ASN B 54 14.84 -29.81 3.49
N THR B 55 13.73 -29.26 3.98
CA THR B 55 12.42 -29.39 3.35
C THR B 55 11.77 -28.02 3.34
N VAL B 56 10.71 -27.86 2.55
CA VAL B 56 10.07 -26.56 2.47
C VAL B 56 9.38 -26.26 3.79
N ALA B 57 8.83 -27.31 4.43
CA ALA B 57 8.23 -27.16 5.76
C ALA B 57 9.26 -26.67 6.79
N GLU B 58 10.48 -27.18 6.72
CA GLU B 58 11.55 -26.72 7.60
C GLU B 58 11.90 -25.25 7.35
N GLN B 59 11.85 -24.84 6.09
CA GLN B 59 12.11 -23.44 5.72
C GLN B 59 11.01 -22.54 6.25
N LEU B 60 9.76 -23.00 6.19
CA LEU B 60 8.62 -22.27 6.75
C LEU B 60 8.83 -22.10 8.25
N HIS B 61 9.19 -23.19 8.92
CA HIS B 61 9.46 -23.15 10.37
C HIS B 61 10.57 -22.17 10.70
N TRP B 62 11.66 -22.20 9.93
CA TRP B 62 12.79 -21.30 10.14
C TRP B 62 12.35 -19.86 9.96
N LEU B 63 11.63 -19.57 8.87
CA LEU B 63 11.13 -18.21 8.64
C LEU B 63 10.29 -17.68 9.80
N ASN B 64 9.53 -18.55 10.45
CA ASN B 64 8.63 -18.14 11.51
C ASN B 64 9.21 -18.20 12.93
N THR B 65 10.47 -18.63 13.05
CA THR B 65 11.11 -18.76 14.36
C THR B 65 12.48 -18.09 14.46
N ASP B 66 13.29 -18.13 13.40
CA ASP B 66 14.63 -17.51 13.46
C ASP B 66 14.57 -15.98 13.33
N PRO B 67 15.39 -15.25 14.13
CA PRO B 67 15.45 -13.78 13.99
C PRO B 67 15.80 -13.28 12.58
N LYS B 68 16.69 -14.00 11.88
CA LYS B 68 17.04 -13.62 10.49
C LYS B 68 15.86 -13.78 9.53
N GLY B 69 14.96 -14.70 9.84
CA GLY B 69 13.76 -14.91 9.07
C GLY B 69 12.80 -13.74 9.26
N GLU B 70 12.62 -13.34 10.51
CA GLU B 70 11.84 -12.15 10.84
C GLU B 70 12.39 -10.90 10.14
N GLU B 71 13.70 -10.69 10.26
CA GLU B 71 14.36 -9.55 9.64
C GLU B 71 14.04 -9.46 8.14
N LEU B 72 14.19 -10.58 7.43
CA LEU B 72 13.95 -10.64 5.99
C LEU B 72 12.51 -10.31 5.66
N ARG B 73 11.59 -10.96 6.35
CA ARG B 73 10.18 -10.74 6.09
C ARG B 73 9.81 -9.26 6.32
N ARG B 74 10.21 -8.71 7.47
CA ARG B 74 9.91 -7.32 7.83
C ARG B 74 10.45 -6.35 6.77
N PHE B 75 11.67 -6.63 6.32
CA PHE B 75 12.32 -5.80 5.32
C PHE B 75 11.51 -5.73 4.03
N LEU B 76 10.96 -6.88 3.60
CA LEU B 76 10.23 -6.99 2.35
C LEU B 76 8.77 -6.53 2.40
N VAL B 77 8.11 -6.74 3.54
CA VAL B 77 6.67 -6.53 3.62
C VAL B 77 6.24 -5.24 4.25
N LEU B 78 7.05 -4.64 5.12
CA LEU B 78 6.61 -3.46 5.85
C LEU B 78 7.05 -2.17 5.13
N GLU B 79 6.49 -1.04 5.56
CA GLU B 79 6.91 0.24 4.97
C GLU B 79 8.37 0.46 5.28
N PRO B 80 9.08 1.17 4.39
CA PRO B 80 8.62 1.79 3.12
C PRO B 80 8.68 0.87 1.90
N ARG B 81 9.24 -0.35 2.02
CA ARG B 81 9.36 -1.21 0.86
CA ARG B 81 9.37 -1.27 0.87
C ARG B 81 8.06 -1.95 0.49
N GLY B 82 7.21 -2.21 1.47
CA GLY B 82 5.99 -2.96 1.27
C GLY B 82 4.77 -2.12 1.60
N ALA B 83 3.63 -2.69 1.31
CA ALA B 83 2.37 -2.01 1.42
C ALA B 83 1.44 -2.85 2.25
N PRO B 84 0.37 -2.25 2.75
CA PRO B 84 -0.58 -2.97 3.57
C PRO B 84 -1.43 -3.97 2.81
N ILE B 85 -1.28 -4.03 1.48
CA ILE B 85 -1.97 -5.03 0.64
C ILE B 85 -0.90 -5.82 -0.09
N GLY B 86 -1.21 -7.07 -0.39
CA GLY B 86 -0.31 -7.93 -1.16
C GLY B 86 0.55 -8.82 -0.28
N SER B 87 1.11 -9.86 -0.90
CA SER B 87 2.04 -10.76 -0.27
C SER B 87 3.29 -10.79 -1.12
N VAL B 88 4.39 -11.21 -0.52
CA VAL B 88 5.62 -11.48 -1.23
C VAL B 88 5.86 -12.98 -1.24
N ASN B 89 5.90 -13.57 -2.44
CA ASN B 89 6.12 -15.01 -2.60
C ASN B 89 7.59 -15.27 -2.88
N LEU B 90 8.28 -15.92 -1.94
CA LEU B 90 9.69 -16.25 -2.15
C LEU B 90 9.78 -17.55 -2.93
N LEU B 91 10.35 -17.48 -4.12
CA LEU B 91 10.62 -18.72 -4.86
C LEU B 91 11.90 -19.36 -4.30
N LEU B 92 11.81 -20.66 -4.05
CA LEU B 92 12.86 -21.41 -3.40
C LEU B 92 13.17 -22.66 -4.21
N PRO B 93 14.33 -23.28 -3.98
CA PRO B 93 14.68 -24.46 -4.77
C PRO B 93 13.69 -25.59 -4.52
N ALA B 94 13.24 -26.24 -5.58
CA ALA B 94 12.35 -27.39 -5.45
C ALA B 94 13.13 -28.56 -4.91
N ARG B 95 12.49 -29.39 -4.10
CA ARG B 95 13.11 -30.62 -3.62
C ARG B 95 12.52 -31.88 -4.29
N HIS B 96 11.20 -31.91 -4.47
CA HIS B 96 10.59 -33.04 -5.18
C HIS B 96 11.00 -32.95 -6.67
N PRO B 97 11.37 -34.07 -7.28
CA PRO B 97 11.86 -34.04 -8.66
C PRO B 97 10.81 -33.58 -9.70
N ASP B 98 9.54 -33.68 -9.36
CA ASP B 98 8.48 -33.28 -10.28
C ASP B 98 8.09 -31.77 -10.10
N ALA B 99 8.59 -31.13 -9.04
CA ALA B 99 8.29 -29.72 -8.79
C ALA B 99 9.11 -28.77 -9.66
N ASP B 100 8.44 -27.79 -10.25
CA ASP B 100 9.08 -26.72 -11.04
C ASP B 100 9.72 -25.66 -10.17
N ALA B 101 9.08 -25.37 -9.03
CA ALA B 101 9.63 -24.45 -8.04
C ALA B 101 8.96 -24.72 -6.72
N ALA B 102 9.53 -24.21 -5.65
CA ALA B 102 8.91 -24.19 -4.33
C ALA B 102 8.63 -22.74 -3.97
N PHE B 103 7.67 -22.51 -3.09
CA PHE B 103 7.51 -21.16 -2.55
C PHE B 103 6.86 -21.13 -1.20
N ILE B 104 7.06 -19.99 -0.53
CA ILE B 104 6.49 -19.71 0.77
C ILE B 104 5.96 -18.27 0.67
N ILE B 105 4.82 -18.02 1.31
CA ILE B 105 4.12 -16.75 1.23
C ILE B 105 4.47 -15.88 2.41
N LEU B 106 4.99 -14.67 2.14
CA LEU B 106 5.27 -13.72 3.23
C LEU B 106 4.21 -12.66 3.35
N GLN B 107 3.72 -12.49 4.59
CA GLN B 107 2.72 -11.48 4.93
C GLN B 107 3.15 -10.74 6.21
N PRO B 108 2.48 -9.64 6.56
CA PRO B 108 2.84 -8.86 7.76
C PRO B 108 2.73 -9.63 9.07
N ASP B 109 1.83 -10.63 9.12
CA ASP B 109 1.71 -11.49 10.32
C ASP B 109 2.79 -12.57 10.47
N GLN B 110 3.08 -13.28 9.40
CA GLN B 110 4.00 -14.42 9.41
C GLN B 110 4.23 -14.89 7.98
N ALA B 111 5.09 -15.90 7.83
CA ALA B 111 5.13 -16.72 6.62
C ALA B 111 4.03 -17.78 6.70
N HIS B 112 3.42 -18.06 5.55
CA HIS B 112 2.32 -19.02 5.45
C HIS B 112 2.68 -20.11 4.44
N ALA B 113 2.11 -21.30 4.67
CA ALA B 113 2.35 -22.45 3.78
C ALA B 113 1.69 -22.37 2.40
N SER B 114 0.47 -21.86 2.36
CA SER B 114 -0.41 -22.02 1.23
C SER B 114 -1.25 -20.78 0.88
N SER B 115 -1.54 -20.65 -0.40
CA SER B 115 -2.47 -19.62 -0.82
C SER B 115 -2.92 -19.88 -2.25
N GLY B 116 -4.21 -19.91 -2.51
CA GLY B 116 -4.61 -20.08 -3.90
C GLY B 116 -4.26 -18.89 -4.82
N SER B 117 -4.62 -17.70 -4.39
CA SER B 117 -4.37 -16.54 -5.23
C SER B 117 -2.86 -16.40 -5.50
N ASN B 118 -2.04 -16.62 -4.47
CA ASN B 118 -0.60 -16.55 -4.71
C ASN B 118 -0.03 -17.70 -5.51
N SER B 119 -0.66 -18.88 -5.43
CA SER B 119 -0.21 -19.97 -6.26
C SER B 119 -0.50 -19.61 -7.72
N ILE B 120 -1.62 -18.95 -7.96
CA ILE B 120 -1.96 -18.54 -9.31
C ILE B 120 -0.97 -17.45 -9.78
N CYS B 121 -0.62 -16.51 -8.92
CA CYS B 121 0.38 -15.49 -9.28
C CYS B 121 1.75 -16.13 -9.60
N VAL B 122 2.19 -17.06 -8.77
CA VAL B 122 3.45 -17.75 -9.00
C VAL B 122 3.45 -18.51 -10.33
N THR B 123 2.39 -19.27 -10.59
CA THR B 123 2.26 -19.98 -11.85
C THR B 123 2.34 -19.02 -13.04
N THR B 124 1.59 -17.93 -12.95
CA THR B 124 1.52 -16.94 -14.02
C THR B 124 2.89 -16.32 -14.30
N ALA B 125 3.58 -15.96 -13.22
CA ALA B 125 4.92 -15.36 -13.33
C ALA B 125 5.96 -16.32 -13.95
N LEU B 126 5.99 -17.55 -13.44
CA LEU B 126 6.88 -18.57 -13.94
C LEU B 126 6.69 -18.79 -15.45
N LEU B 127 5.44 -18.86 -15.89
CA LEU B 127 5.16 -19.10 -17.30
C LEU B 127 5.46 -17.88 -18.16
N GLU B 128 5.00 -16.70 -17.75
CA GLU B 128 5.17 -15.49 -18.58
C GLU B 128 6.61 -14.96 -18.57
N SER B 129 7.37 -15.25 -17.52
CA SER B 129 8.81 -14.95 -17.51
C SER B 129 9.62 -15.94 -18.35
N GLY B 130 9.07 -17.13 -18.59
CA GLY B 130 9.82 -18.20 -19.26
C GLY B 130 10.72 -19.03 -18.36
N ILE B 131 10.69 -18.81 -17.06
CA ILE B 131 11.42 -19.66 -16.13
C ILE B 131 10.93 -21.12 -16.28
N VAL B 132 9.61 -21.27 -16.47
CA VAL B 132 9.04 -22.53 -16.90
C VAL B 132 8.53 -22.33 -18.34
N GLU B 133 8.80 -23.32 -19.19
CA GLU B 133 8.44 -23.24 -20.60
C GLU B 133 6.93 -23.30 -20.79
N MET B 134 6.39 -22.36 -21.54
CA MET B 134 4.95 -22.29 -21.78
C MET B 134 4.54 -23.19 -22.92
N LYS B 135 3.63 -24.12 -22.64
CA LYS B 135 3.04 -24.95 -23.67
C LYS B 135 1.57 -24.59 -23.84
N GLU B 136 1.08 -24.70 -25.07
CA GLU B 136 -0.29 -24.31 -25.40
C GLU B 136 -1.01 -25.50 -26.03
N PRO B 137 -2.29 -25.69 -25.70
CA PRO B 137 -3.18 -24.82 -24.90
C PRO B 137 -3.07 -24.94 -23.37
N GLU B 138 -2.36 -25.95 -22.86
CA GLU B 138 -2.22 -26.13 -21.40
C GLU B 138 -0.79 -26.48 -21.00
N THR B 139 -0.36 -25.93 -19.86
CA THR B 139 0.92 -26.31 -19.22
C THR B 139 0.62 -26.73 -17.80
N VAL B 140 1.14 -27.89 -17.40
CA VAL B 140 1.05 -28.32 -16.00
C VAL B 140 2.27 -27.79 -15.29
N VAL B 141 2.04 -27.01 -14.25
CA VAL B 141 3.13 -26.49 -13.42
C VAL B 141 2.94 -27.10 -12.06
N THR B 142 4.03 -27.57 -11.46
CA THR B 142 3.97 -28.17 -10.13
C THR B 142 4.69 -27.33 -9.09
N LEU B 143 3.97 -26.88 -8.07
CA LEU B 143 4.54 -26.00 -7.07
C LEU B 143 4.67 -26.74 -5.74
N GLU B 144 5.87 -26.72 -5.18
CA GLU B 144 6.11 -27.32 -3.89
C GLU B 144 5.92 -26.31 -2.75
N THR B 145 4.96 -26.60 -1.87
CA THR B 145 4.67 -25.78 -0.71
C THR B 145 4.90 -26.60 0.55
N ALA B 146 4.95 -25.92 1.69
CA ALA B 146 5.08 -26.62 2.97
C ALA B 146 3.90 -27.59 3.24
N ALA B 147 2.76 -27.34 2.60
CA ALA B 147 1.57 -28.18 2.75
C ALA B 147 1.59 -29.38 1.81
N GLY B 148 2.49 -29.37 0.83
CA GLY B 148 2.57 -30.40 -0.20
C GLY B 148 2.65 -29.82 -1.61
N LEU B 149 2.59 -30.69 -2.60
CA LEU B 149 2.65 -30.30 -3.99
C LEU B 149 1.29 -29.81 -4.48
N VAL B 150 1.30 -28.65 -5.12
CA VAL B 150 0.12 -28.08 -5.78
C VAL B 150 0.30 -28.23 -7.28
N ARG B 151 -0.58 -29.00 -7.90
CA ARG B 151 -0.52 -29.19 -9.35
C ARG B 151 -1.41 -28.12 -9.96
N ALA B 152 -0.85 -27.32 -10.88
CA ALA B 152 -1.54 -26.17 -11.47
C ALA B 152 -1.62 -26.40 -12.97
N THR B 153 -2.83 -26.36 -13.53
CA THR B 153 -3.00 -26.47 -14.97
C THR B 153 -3.33 -25.11 -15.51
N ALA B 154 -2.41 -24.58 -16.30
CA ALA B 154 -2.52 -23.23 -16.82
C ALA B 154 -3.00 -23.27 -18.28
N THR B 155 -4.04 -22.50 -18.55
CA THR B 155 -4.51 -22.31 -19.90
C THR B 155 -3.70 -21.18 -20.49
N CYS B 156 -2.93 -21.51 -21.52
CA CYS B 156 -2.00 -20.57 -22.13
C CYS B 156 -2.35 -20.38 -23.58
N ARG B 157 -2.29 -19.13 -24.04
CA ARG B 157 -2.55 -18.79 -25.44
C ARG B 157 -1.78 -17.52 -25.82
N ASP B 158 -0.99 -17.62 -26.88
CA ASP B 158 -0.22 -16.50 -27.43
C ASP B 158 0.72 -15.83 -26.40
N GLY B 159 1.43 -16.64 -25.62
CA GLY B 159 2.36 -16.13 -24.61
C GLY B 159 1.72 -15.58 -23.33
N ARG B 160 0.41 -15.72 -23.20
CA ARG B 160 -0.29 -15.27 -22.01
C ARG B 160 -0.83 -16.46 -21.22
N CYS B 161 -0.53 -16.48 -19.92
CA CYS B 161 -1.17 -17.42 -18.99
C CYS B 161 -2.50 -16.81 -18.57
N GLU B 162 -3.58 -17.29 -19.19
CA GLU B 162 -4.92 -16.70 -19.06
C GLU B 162 -5.62 -17.03 -17.77
N LYS B 163 -5.62 -18.30 -17.41
CA LYS B 163 -6.16 -18.71 -16.12
C LYS B 163 -5.44 -19.97 -15.66
N VAL B 164 -5.60 -20.26 -14.38
CA VAL B 164 -4.91 -21.37 -13.75
C VAL B 164 -5.89 -22.13 -12.89
N ARG B 165 -5.95 -23.45 -13.07
CA ARG B 165 -6.73 -24.35 -12.23
C ARG B 165 -5.77 -25.07 -11.26
N LEU B 166 -5.89 -24.76 -9.98
CA LEU B 166 -5.10 -25.40 -8.94
C LEU B 166 -5.76 -26.68 -8.40
N THR B 167 -4.98 -27.76 -8.28
CA THR B 167 -5.39 -28.91 -7.47
C THR B 167 -4.83 -28.66 -6.08
N MET B 168 -5.70 -28.28 -5.15
CA MET B 168 -5.25 -27.89 -3.82
C MET B 168 -4.92 -29.12 -2.98
N VAL B 169 -4.13 -28.92 -1.95
CA VAL B 169 -3.77 -30.02 -1.05
C VAL B 169 -5.04 -30.56 -0.37
N PRO B 170 -4.97 -31.80 0.15
CA PRO B 170 -6.15 -32.36 0.84
C PRO B 170 -6.66 -31.49 1.99
N SER B 171 -7.94 -31.16 1.90
CA SER B 171 -8.59 -30.21 2.78
C SER B 171 -9.61 -30.97 3.62
N PHE B 172 -9.87 -30.50 4.84
CA PHE B 172 -10.69 -31.30 5.79
C PHE B 172 -11.31 -30.44 6.88
N VAL B 173 -12.36 -30.99 7.49
CA VAL B 173 -12.98 -30.32 8.60
C VAL B 173 -12.20 -30.69 9.86
N HIS B 174 -11.92 -29.70 10.70
CA HIS B 174 -11.37 -29.93 12.04
C HIS B 174 -12.52 -30.08 13.02
N GLU B 175 -13.35 -29.04 13.15
CA GLU B 175 -14.62 -29.19 13.85
C GLU B 175 -15.68 -28.24 13.31
N LEU B 176 -16.89 -28.75 13.10
CA LEU B 176 -18.02 -27.93 12.69
C LEU B 176 -18.69 -27.34 13.90
N ASP B 177 -19.29 -26.16 13.73
CA ASP B 177 -20.25 -25.65 14.72
C ASP B 177 -19.63 -25.48 16.09
N VAL B 178 -18.40 -24.99 16.10
CA VAL B 178 -17.74 -24.65 17.34
C VAL B 178 -18.38 -23.38 17.85
N GLY B 179 -18.78 -23.37 19.10
CA GLY B 179 -19.35 -22.16 19.71
C GLY B 179 -18.28 -21.39 20.46
N ILE B 180 -18.29 -20.07 20.33
CA ILE B 180 -17.43 -19.21 21.16
C ILE B 180 -18.21 -18.00 21.65
N ASP B 181 -17.92 -17.59 22.88
CA ASP B 181 -18.56 -16.43 23.49
C ASP B 181 -17.80 -15.17 23.13
N THR B 182 -18.54 -14.18 22.67
CA THR B 182 -17.96 -12.89 22.29
C THR B 182 -18.68 -11.81 23.09
N PRO B 183 -17.92 -10.86 23.66
CA PRO B 183 -18.62 -9.75 24.31
C PRO B 183 -19.46 -8.89 23.34
N GLN B 184 -19.06 -8.78 22.08
CA GLN B 184 -19.75 -7.88 21.16
C GLN B 184 -20.99 -8.49 20.50
N TRP B 185 -20.95 -9.78 20.18
CA TRP B 185 -22.06 -10.43 19.45
C TRP B 185 -22.66 -11.62 20.18
N GLY B 186 -22.32 -11.80 21.45
CA GLY B 186 -22.78 -12.97 22.20
C GLY B 186 -22.19 -14.24 21.61
N ARG B 187 -22.91 -15.34 21.76
CA ARG B 187 -22.41 -16.63 21.33
C ARG B 187 -22.59 -16.77 19.84
N ILE B 188 -21.51 -17.13 19.16
CA ILE B 188 -21.59 -17.37 17.72
C ILE B 188 -20.93 -18.69 17.39
N LYS B 189 -21.25 -19.21 16.21
CA LYS B 189 -20.64 -20.49 15.79
C LYS B 189 -19.78 -20.32 14.55
N LEU B 190 -18.72 -21.11 14.54
CA LEU B 190 -17.79 -21.12 13.45
C LEU B 190 -17.37 -22.54 13.10
N ASP B 191 -16.87 -22.73 11.89
CA ASP B 191 -16.26 -23.99 11.50
C ASP B 191 -14.77 -23.81 11.53
N LEU B 192 -14.08 -24.74 12.18
CA LEU B 192 -12.62 -24.83 12.11
C LEU B 192 -12.26 -25.87 11.06
N CYS B 193 -11.38 -25.50 10.13
CA CYS B 193 -11.12 -26.34 8.98
C CYS B 193 -9.82 -25.94 8.29
N TYR B 194 -9.37 -26.83 7.40
CA TYR B 194 -8.09 -26.71 6.74
C TYR B 194 -8.22 -26.77 5.23
N GLY B 195 -7.61 -25.79 4.57
CA GLY B 195 -7.56 -25.72 3.10
C GLY B 195 -6.17 -25.42 2.60
N GLY B 196 -5.16 -25.92 3.33
CA GLY B 196 -3.75 -25.61 3.07
C GLY B 196 -3.13 -24.74 4.15
N ILE B 197 -4.00 -24.01 4.87
CA ILE B 197 -3.74 -23.36 6.14
C ILE B 197 -5.10 -23.41 6.87
N PHE B 198 -5.10 -23.11 8.16
CA PHE B 198 -6.30 -23.26 8.98
C PHE B 198 -7.17 -22.02 8.98
N TYR B 199 -8.48 -22.23 8.90
CA TYR B 199 -9.49 -21.19 8.91
C TYR B 199 -10.52 -21.37 10.02
N ALA B 200 -11.05 -20.23 10.48
CA ALA B 200 -12.30 -20.20 11.19
C ALA B 200 -13.30 -19.55 10.24
N LEU B 201 -14.36 -20.29 9.87
CA LEU B 201 -15.36 -19.78 8.95
C LEU B 201 -16.60 -19.36 9.70
N VAL B 202 -17.08 -18.16 9.40
CA VAL B 202 -18.16 -17.57 10.15
C VAL B 202 -19.24 -17.04 9.21
N ASP B 203 -20.45 -17.55 9.35
CA ASP B 203 -21.60 -16.96 8.70
C ASP B 203 -21.73 -15.51 9.14
N VAL B 204 -21.71 -14.61 8.17
CA VAL B 204 -21.53 -13.21 8.46
C VAL B 204 -22.73 -12.57 9.19
N GLY B 205 -23.92 -13.14 8.99
CA GLY B 205 -25.14 -12.64 9.63
C GLY B 205 -25.05 -12.64 11.15
N GLN B 206 -24.19 -13.50 11.68
CA GLN B 206 -23.99 -13.60 13.12
C GLN B 206 -23.32 -12.38 13.76
N ILE B 207 -22.60 -11.60 12.95
CA ILE B 207 -22.02 -10.36 13.47
C ILE B 207 -22.77 -9.14 12.98
N GLY B 208 -23.96 -9.34 12.39
CA GLY B 208 -24.85 -8.25 12.01
C GLY B 208 -24.31 -7.39 10.88
N LEU B 209 -23.42 -7.94 10.07
CA LEU B 209 -22.90 -7.25 8.89
C LEU B 209 -23.20 -8.05 7.64
N THR B 210 -23.04 -7.39 6.50
CA THR B 210 -23.09 -8.04 5.19
C THR B 210 -21.77 -7.83 4.48
N ILE B 211 -21.47 -8.72 3.54
CA ILE B 211 -20.22 -8.61 2.79
C ILE B 211 -20.43 -7.72 1.58
N GLY B 212 -19.85 -6.54 1.63
CA GLY B 212 -19.81 -5.65 0.47
C GLY B 212 -18.73 -4.62 0.75
N LYS B 213 -18.33 -3.90 -0.30
CA LYS B 213 -17.25 -2.91 -0.19
C LYS B 213 -17.44 -1.89 0.95
N ALA B 214 -18.65 -1.38 1.09
CA ALA B 214 -18.98 -0.35 2.08
C ALA B 214 -18.70 -0.81 3.51
N ASN B 215 -18.66 -2.12 3.74
CA ASN B 215 -18.37 -2.66 5.06
C ASN B 215 -16.95 -3.19 5.25
N ALA B 216 -16.02 -2.80 4.39
CA ALA B 216 -14.67 -3.39 4.44
C ALA B 216 -14.02 -3.21 5.83
N ALA B 217 -14.03 -1.98 6.35
CA ALA B 217 -13.39 -1.69 7.63
C ALA B 217 -14.06 -2.42 8.81
N SER B 218 -15.40 -2.45 8.84
CA SER B 218 -16.10 -3.04 9.98
C SER B 218 -15.95 -4.57 9.95
N LEU B 219 -15.97 -5.17 8.77
CA LEU B 219 -15.75 -6.63 8.63
C LEU B 219 -14.36 -6.99 9.11
N VAL B 220 -13.39 -6.17 8.74
CA VAL B 220 -12.02 -6.42 9.14
C VAL B 220 -11.86 -6.27 10.63
N GLN B 221 -12.47 -5.24 11.24
CA GLN B 221 -12.47 -5.05 12.68
C GLN B 221 -13.01 -6.29 13.43
N ALA B 222 -14.13 -6.83 12.96
CA ALA B 222 -14.71 -8.03 13.53
C ALA B 222 -13.81 -9.26 13.40
N GLY B 223 -13.20 -9.41 12.23
CA GLY B 223 -12.29 -10.50 11.96
C GLY B 223 -11.06 -10.49 12.84
N MET B 224 -10.56 -9.30 13.16
CA MET B 224 -9.37 -9.15 14.03
C MET B 224 -9.72 -9.47 15.47
N VAL B 225 -10.91 -9.07 15.91
CA VAL B 225 -11.38 -9.42 17.26
C VAL B 225 -11.50 -10.94 17.37
N LEU B 226 -12.12 -11.55 16.37
CA LEU B 226 -12.30 -12.99 16.39
C LEU B 226 -10.99 -13.76 16.29
N LYS B 227 -10.10 -13.32 15.42
CA LYS B 227 -8.80 -13.99 15.27
C LYS B 227 -8.01 -13.99 16.59
N GLU B 228 -8.02 -12.88 17.31
CA GLU B 228 -7.30 -12.78 18.59
C GLU B 228 -7.87 -13.77 19.58
N LEU B 229 -9.20 -13.84 19.63
CA LEU B 229 -9.89 -14.69 20.58
C LEU B 229 -9.60 -16.15 20.24
N ILE B 230 -9.73 -16.47 18.96
CA ILE B 230 -9.51 -17.83 18.50
C ILE B 230 -8.05 -18.28 18.67
N ASN B 231 -7.10 -17.44 18.27
CA ASN B 231 -5.70 -17.80 18.41
C ASN B 231 -5.30 -18.02 19.87
N ARG B 232 -5.91 -17.28 20.79
CA ARG B 232 -5.61 -17.38 22.21
C ARG B 232 -6.18 -18.65 22.84
N THR B 233 -7.34 -19.09 22.37
CA THR B 233 -8.08 -20.16 23.02
C THR B 233 -8.27 -21.44 22.21
N VAL B 234 -7.93 -21.44 20.92
CA VAL B 234 -8.21 -22.59 20.05
C VAL B 234 -6.97 -22.99 19.25
N PRO B 235 -6.04 -23.71 19.89
CA PRO B 235 -4.86 -24.13 19.18
C PRO B 235 -5.22 -25.23 18.17
N VAL B 236 -4.59 -25.19 17.01
CA VAL B 236 -4.80 -26.20 15.96
C VAL B 236 -3.47 -26.49 15.24
N VAL B 237 -3.26 -27.75 14.89
CA VAL B 237 -2.06 -28.12 14.15
C VAL B 237 -2.42 -29.22 13.16
N HIS B 238 -1.73 -29.22 12.03
CA HIS B 238 -1.95 -30.25 11.02
C HIS B 238 -1.46 -31.56 11.63
N PRO B 239 -2.29 -32.61 11.55
CA PRO B 239 -1.94 -33.90 12.18
C PRO B 239 -0.65 -34.56 11.65
N GLU B 240 -0.23 -34.19 10.44
CA GLU B 240 0.97 -34.76 9.82
C GLU B 240 2.07 -33.77 9.42
N ILE B 241 1.84 -32.47 9.61
CA ILE B 241 2.78 -31.44 9.20
C ILE B 241 2.91 -30.42 10.34
N PRO B 242 3.85 -30.65 11.27
CA PRO B 242 3.95 -29.83 12.47
C PRO B 242 4.17 -28.33 12.23
N ALA B 243 4.79 -27.97 11.10
CA ALA B 243 5.09 -26.57 10.82
C ALA B 243 3.87 -25.74 10.46
N ILE B 244 2.72 -26.39 10.22
CA ILE B 244 1.49 -25.67 9.90
C ILE B 244 0.54 -25.73 11.09
N SER B 245 0.36 -24.59 11.76
CA SER B 245 -0.36 -24.52 13.02
C SER B 245 -1.02 -23.16 13.17
N GLY B 246 -2.08 -23.13 13.96
CA GLY B 246 -2.84 -21.90 14.25
C GLY B 246 -3.83 -21.53 13.18
N VAL B 247 -4.94 -20.90 13.59
CA VAL B 247 -5.88 -20.33 12.64
C VAL B 247 -5.26 -19.07 12.05
N ALA B 248 -5.02 -19.13 10.75
CA ALA B 248 -4.42 -18.02 10.02
C ALA B 248 -5.39 -16.87 9.93
N TYR B 249 -6.59 -17.15 9.45
CA TYR B 249 -7.59 -16.12 9.13
C TYR B 249 -8.99 -16.53 9.53
N VAL B 250 -9.79 -15.52 9.83
CA VAL B 250 -11.23 -15.63 9.95
C VAL B 250 -11.82 -15.18 8.61
N MET B 251 -12.60 -16.05 7.99
CA MET B 251 -13.29 -15.75 6.74
C MET B 251 -14.78 -15.75 6.96
N PHE B 252 -15.38 -14.60 6.67
CA PHE B 252 -16.80 -14.45 6.70
C PHE B 252 -17.36 -14.98 5.41
N ARG B 253 -18.54 -15.59 5.48
CA ARG B 253 -19.17 -16.17 4.28
C ARG B 253 -20.68 -15.87 4.22
N ASP B 254 -21.19 -15.78 3.00
CA ASP B 254 -22.60 -15.55 2.76
C ASP B 254 -22.89 -16.15 1.37
N ILE B 255 -24.11 -15.93 0.89
CA ILE B 255 -24.58 -16.45 -0.39
C ILE B 255 -25.22 -15.30 -1.14
N ASP B 256 -24.75 -15.07 -2.36
CA ASP B 256 -25.36 -14.08 -3.25
C ASP B 256 -26.62 -14.63 -3.92
N ALA B 257 -27.45 -13.74 -4.46
CA ALA B 257 -28.71 -14.15 -5.11
C ALA B 257 -28.52 -15.15 -6.25
N ASP B 258 -27.41 -15.06 -6.97
CA ASP B 258 -27.16 -15.99 -8.07
C ASP B 258 -26.55 -17.32 -7.57
N GLY B 259 -26.46 -17.47 -6.25
CA GLY B 259 -25.97 -18.70 -5.66
C GLY B 259 -24.50 -18.76 -5.38
N ALA B 260 -23.73 -17.72 -5.71
CA ALA B 260 -22.31 -17.77 -5.44
C ALA B 260 -22.00 -17.71 -3.94
N ILE B 261 -20.93 -18.38 -3.53
CA ILE B 261 -20.39 -18.28 -2.15
C ILE B 261 -19.63 -16.95 -2.01
N ARG B 262 -20.30 -15.98 -1.44
CA ARG B 262 -19.60 -14.72 -1.06
CA ARG B 262 -19.60 -14.73 -1.07
C ARG B 262 -18.65 -14.77 0.30
N THR B 263 -17.42 -14.33 0.03
CA THR B 263 -16.44 -14.45 1.11
C THR B 263 -15.75 -13.12 1.39
N CYS B 264 -15.33 -12.99 2.64
CA CYS B 264 -14.41 -11.92 2.99
C CYS B 264 -13.43 -12.44 4.04
N THR B 265 -12.24 -12.77 3.57
CA THR B 265 -11.15 -13.25 4.44
C THR B 265 -10.44 -12.05 5.06
N THR B 266 -10.33 -12.05 6.38
CA THR B 266 -9.70 -11.00 7.14
C THR B 266 -8.28 -11.45 7.54
N MET B 267 -7.31 -10.55 7.34
CA MET B 267 -5.89 -10.87 7.43
C MET B 267 -5.22 -9.86 8.38
N TRP B 268 -4.40 -10.35 9.28
CA TRP B 268 -3.77 -9.52 10.32
C TRP B 268 -2.68 -8.66 9.68
N PRO B 269 -2.51 -7.41 10.13
CA PRO B 269 -3.14 -6.72 11.26
C PRO B 269 -4.45 -6.01 10.93
N GLY B 270 -5.00 -6.27 9.75
CA GLY B 270 -6.40 -5.92 9.48
C GLY B 270 -6.72 -5.40 8.10
N ARG B 271 -6.83 -6.32 7.15
CA ARG B 271 -7.30 -5.99 5.83
C ARG B 271 -8.00 -7.20 5.23
N ALA B 272 -8.76 -6.95 4.18
CA ALA B 272 -9.49 -8.02 3.52
C ALA B 272 -8.71 -8.56 2.33
N ASP B 273 -8.82 -9.86 2.11
CA ASP B 273 -8.36 -10.47 0.86
C ASP B 273 -9.20 -9.86 -0.26
N ARG B 274 -8.56 -9.45 -1.34
CA ARG B 274 -9.30 -8.93 -2.50
C ARG B 274 -9.83 -10.07 -3.38
N SER B 275 -9.19 -11.24 -3.31
CA SER B 275 -9.65 -12.41 -4.05
C SER B 275 -10.72 -13.16 -3.25
N PRO B 276 -11.42 -14.11 -3.92
CA PRO B 276 -12.39 -14.96 -3.21
C PRO B 276 -11.80 -15.90 -2.15
N CSO B 277 -10.47 -16.07 -2.15
N CSO B 277 -10.47 -16.06 -2.16
CA CSO B 277 -9.73 -16.83 -1.12
CA CSO B 277 -9.72 -16.82 -1.14
CB CSO B 277 -10.32 -16.59 0.27
CB CSO B 277 -10.20 -16.63 0.30
SG CSO B 277 -9.30 -17.23 1.57
SG CSO B 277 -8.96 -17.23 1.42
C CSO B 277 -9.77 -18.28 -1.51
C CSO B 277 -9.75 -18.28 -1.48
O CSO B 277 -10.75 -18.97 -1.26
O CSO B 277 -10.73 -18.97 -1.18
OD CSO B 277 -8.16 -18.21 0.72
OD CSO B 277 -7.76 -15.97 1.39
N GLY B 278 -8.68 -18.76 -2.11
CA GLY B 278 -8.59 -20.15 -2.55
C GLY B 278 -8.52 -21.17 -1.42
N THR B 279 -7.66 -20.91 -0.45
CA THR B 279 -7.51 -21.80 0.70
C THR B 279 -8.76 -21.78 1.55
N GLY B 280 -9.36 -20.60 1.70
CA GLY B 280 -10.58 -20.47 2.46
C GLY B 280 -11.74 -21.19 1.80
N ASN B 281 -11.84 -21.07 0.48
CA ASN B 281 -12.83 -21.84 -0.26
C ASN B 281 -12.63 -23.34 -0.22
N SER B 282 -11.37 -23.77 -0.24
CA SER B 282 -11.00 -25.18 -0.08
C SER B 282 -11.45 -25.70 1.28
N ALA B 283 -11.17 -24.93 2.32
CA ALA B 283 -11.63 -25.28 3.67
C ALA B 283 -13.17 -25.25 3.77
N ASN B 284 -13.80 -24.23 3.20
CA ASN B 284 -15.26 -24.16 3.20
C ASN B 284 -15.87 -25.31 2.43
N LEU B 285 -15.24 -25.71 1.32
CA LEU B 285 -15.78 -26.82 0.53
C LEU B 285 -15.77 -28.10 1.34
N ALA B 286 -14.75 -28.28 2.18
CA ALA B 286 -14.73 -29.42 3.07
C ALA B 286 -15.91 -29.41 4.04
N THR B 287 -16.28 -28.22 4.54
CA THR B 287 -17.46 -28.11 5.39
C THR B 287 -18.76 -28.43 4.61
N LEU B 288 -18.86 -27.96 3.36
CA LEU B 288 -20.06 -28.25 2.54
C LEU B 288 -20.20 -29.75 2.32
N HIS B 289 -19.09 -30.41 1.99
CA HIS B 289 -19.11 -31.84 1.75
C HIS B 289 -19.55 -32.60 3.01
N ALA B 290 -19.01 -32.21 4.16
CA ALA B 290 -19.41 -32.83 5.45
C ALA B 290 -20.90 -32.65 5.74
N ARG B 291 -21.45 -31.50 5.37
CA ARG B 291 -22.89 -31.23 5.57
C ARG B 291 -23.81 -31.82 4.47
N GLY B 292 -23.24 -32.54 3.51
CA GLY B 292 -24.03 -33.12 2.42
C GLY B 292 -24.45 -32.11 1.35
N LYS B 293 -23.75 -30.98 1.30
CA LYS B 293 -24.13 -29.88 0.42
C LYS B 293 -23.25 -29.80 -0.83
N ALA B 294 -22.23 -30.65 -0.91
CA ALA B 294 -21.38 -30.69 -2.08
C ALA B 294 -20.90 -32.10 -2.28
N ARG B 295 -20.78 -32.51 -3.54
CA ARG B 295 -20.34 -33.85 -3.86
C ARG B 295 -19.33 -33.79 -4.98
N VAL B 296 -18.58 -34.87 -5.14
CA VAL B 296 -17.60 -34.99 -6.21
C VAL B 296 -18.17 -34.62 -7.57
N GLY B 297 -17.48 -33.73 -8.26
CA GLY B 297 -17.93 -33.26 -9.57
C GLY B 297 -18.60 -31.91 -9.51
N ASP B 298 -18.98 -31.45 -8.32
CA ASP B 298 -19.69 -30.18 -8.20
C ASP B 298 -18.74 -29.02 -8.51
N VAL B 299 -19.29 -27.97 -9.07
CA VAL B 299 -18.54 -26.75 -9.30
C VAL B 299 -19.37 -25.59 -8.76
N PHE B 300 -18.73 -24.70 -8.00
CA PHE B 300 -19.38 -23.52 -7.42
C PHE B 300 -18.64 -22.27 -7.88
N LYS B 301 -19.33 -21.15 -7.90
CA LYS B 301 -18.68 -19.83 -8.03
C LYS B 301 -18.50 -19.24 -6.64
N SER B 302 -17.36 -18.59 -6.41
CA SER B 302 -17.16 -17.83 -5.21
C SER B 302 -16.78 -16.39 -5.60
N ARG B 303 -17.22 -15.43 -4.79
CA ARG B 303 -17.09 -14.00 -5.09
C ARG B 303 -16.52 -13.27 -3.89
N SER B 304 -15.57 -12.36 -4.11
CA SER B 304 -14.90 -11.68 -3.01
C SER B 304 -15.67 -10.43 -2.66
N ILE B 305 -15.14 -9.68 -1.68
CA ILE B 305 -15.73 -8.41 -1.32
C ILE B 305 -15.81 -7.40 -2.46
N ILE B 306 -14.85 -7.44 -3.38
CA ILE B 306 -14.89 -6.56 -4.54
C ILE B 306 -15.58 -7.16 -5.75
N GLY B 307 -16.19 -8.33 -5.61
CA GLY B 307 -16.91 -8.88 -6.73
C GLY B 307 -16.06 -9.69 -7.69
N SER B 308 -14.78 -9.91 -7.39
CA SER B 308 -13.99 -10.78 -8.21
C SER B 308 -14.31 -12.26 -7.91
N GLU B 309 -13.99 -13.16 -8.83
CA GLU B 309 -14.57 -14.52 -8.84
C GLU B 309 -13.55 -15.62 -9.07
N PHE B 310 -13.77 -16.75 -8.42
CA PHE B 310 -13.06 -18.01 -8.62
C PHE B 310 -14.09 -19.08 -8.94
N GLU B 311 -13.68 -20.11 -9.66
CA GLU B 311 -14.46 -21.34 -9.75
C GLU B 311 -13.87 -22.35 -8.76
N VAL B 312 -14.75 -22.96 -7.96
CA VAL B 312 -14.39 -23.87 -6.89
C VAL B 312 -14.97 -25.25 -7.20
N GLY B 313 -14.12 -26.28 -7.27
CA GLY B 313 -14.58 -27.62 -7.64
C GLY B 313 -14.23 -28.68 -6.61
N LEU B 314 -15.10 -29.68 -6.46
CA LEU B 314 -14.78 -30.84 -5.60
C LEU B 314 -14.31 -31.98 -6.47
N GLN B 315 -13.00 -32.16 -6.56
CA GLN B 315 -12.43 -33.14 -7.50
C GLN B 315 -12.53 -34.61 -7.03
N ALA B 316 -12.36 -34.84 -5.74
CA ALA B 316 -12.31 -36.20 -5.21
C ALA B 316 -12.43 -36.20 -3.69
N GLU B 317 -12.83 -37.34 -3.14
CA GLU B 317 -12.77 -37.60 -1.69
C GLU B 317 -11.45 -38.29 -1.40
N THR B 318 -10.95 -38.09 -0.18
CA THR B 318 -9.74 -38.72 0.28
C THR B 318 -9.74 -38.76 1.83
N GLU B 319 -8.61 -39.10 2.44
CA GLU B 319 -8.46 -39.08 3.90
C GLU B 319 -7.19 -38.35 4.30
N VAL B 320 -7.24 -37.66 5.44
CA VAL B 320 -6.03 -37.10 6.04
C VAL B 320 -5.92 -37.63 7.49
N ALA B 321 -4.90 -38.45 7.75
CA ALA B 321 -4.71 -39.02 9.08
C ALA B 321 -6.03 -39.59 9.66
N GLY B 322 -6.75 -40.38 8.88
CA GLY B 322 -8.01 -41.00 9.32
C GLY B 322 -9.25 -40.11 9.20
N LYS B 323 -9.07 -38.80 8.99
CA LYS B 323 -10.20 -37.88 8.88
C LYS B 323 -10.75 -37.92 7.45
N PRO B 324 -12.09 -37.89 7.29
CA PRO B 324 -12.62 -37.60 5.96
C PRO B 324 -12.08 -36.25 5.42
N ALA B 325 -11.70 -36.25 4.15
CA ALA B 325 -11.10 -35.06 3.49
C ALA B 325 -11.50 -35.01 2.01
N ILE B 326 -11.14 -33.93 1.34
CA ILE B 326 -11.45 -33.75 -0.08
C ILE B 326 -10.24 -33.20 -0.81
N ILE B 327 -10.29 -33.29 -2.14
CA ILE B 327 -9.31 -32.63 -3.03
C ILE B 327 -10.10 -31.53 -3.73
N PRO B 328 -9.83 -30.27 -3.37
CA PRO B 328 -10.51 -29.18 -4.05
C PRO B 328 -9.71 -28.64 -5.25
N THR B 329 -10.41 -28.03 -6.18
CA THR B 329 -9.77 -27.22 -7.22
C THR B 329 -10.23 -25.76 -7.14
N ILE B 330 -9.32 -24.86 -7.47
CA ILE B 330 -9.57 -23.43 -7.44
C ILE B 330 -9.08 -22.88 -8.78
N THR B 331 -9.96 -22.20 -9.50
CA THR B 331 -9.59 -21.64 -10.81
C THR B 331 -9.78 -20.13 -10.77
N GLY B 332 -8.78 -19.40 -11.24
CA GLY B 332 -8.75 -17.94 -11.24
C GLY B 332 -7.75 -17.42 -12.25
N ARG B 333 -7.72 -16.11 -12.46
CA ARG B 333 -6.83 -15.52 -13.47
C ARG B 333 -5.73 -14.69 -12.79
N GLY B 334 -4.52 -14.77 -13.32
CA GLY B 334 -3.41 -13.89 -12.88
C GLY B 334 -3.07 -12.90 -13.99
N PHE B 335 -2.64 -11.71 -13.57
CA PHE B 335 -2.30 -10.62 -14.46
C PHE B 335 -0.98 -10.02 -13.99
N THR B 336 0.06 -10.20 -14.80
CA THR B 336 1.36 -9.55 -14.52
C THR B 336 1.22 -8.06 -14.84
N PHE B 337 1.35 -7.21 -13.83
CA PHE B 337 1.20 -5.75 -14.01
C PHE B 337 2.52 -4.96 -13.93
N GLY B 338 3.60 -5.62 -13.54
CA GLY B 338 4.88 -4.94 -13.48
C GLY B 338 6.04 -5.76 -12.97
N LEU B 339 7.20 -5.12 -12.86
CA LEU B 339 8.42 -5.75 -12.42
C LEU B 339 8.99 -4.80 -11.40
N SER B 340 9.62 -5.34 -10.38
CA SER B 340 10.25 -4.48 -9.36
CA SER B 340 10.23 -4.51 -9.33
C SER B 340 11.54 -5.12 -8.87
N GLN B 341 12.43 -4.28 -8.40
CA GLN B 341 13.71 -4.73 -7.86
C GLN B 341 13.85 -3.94 -6.57
N VAL B 342 14.18 -4.63 -5.50
CA VAL B 342 14.33 -4.01 -4.22
C VAL B 342 15.77 -4.19 -3.79
N ALA B 343 16.40 -3.09 -3.38
CA ALA B 343 17.79 -3.14 -2.93
C ALA B 343 17.86 -3.77 -1.55
N LEU B 344 18.65 -4.82 -1.40
CA LEU B 344 18.75 -5.51 -0.12
C LEU B 344 19.85 -4.78 0.60
N ASP B 345 19.51 -3.59 1.06
CA ASP B 345 20.46 -2.74 1.74
C ASP B 345 19.98 -2.64 3.21
N PRO B 346 20.66 -3.36 4.12
CA PRO B 346 20.22 -3.33 5.51
C PRO B 346 20.62 -2.04 6.24
N PHE B 347 21.37 -1.13 5.59
CA PHE B 347 21.65 0.22 6.14
C PHE B 347 20.56 1.28 5.85
N ASP B 348 19.50 0.95 5.11
CA ASP B 348 18.38 1.91 5.02
C ASP B 348 18.02 2.34 6.46
N PRO B 349 17.89 3.65 6.71
CA PRO B 349 17.46 4.06 8.07
C PRO B 349 16.14 3.43 8.52
N MET B 350 15.36 2.98 7.57
CA MET B 350 14.09 2.35 7.86
C MET B 350 14.16 0.87 7.57
N ALA B 351 15.34 0.26 7.76
CA ALA B 351 15.55 -1.12 7.37
C ALA B 351 14.69 -2.09 8.19
N ASN B 352 14.41 -1.72 9.44
CA ASN B 352 13.59 -2.58 10.29
C ASN B 352 12.11 -2.62 9.90
N GLY B 353 11.66 -1.63 9.13
CA GLY B 353 10.30 -1.58 8.62
C GLY B 353 9.34 -1.03 9.67
N PHE B 354 8.23 -0.46 9.22
CA PHE B 354 7.19 0.03 10.12
C PHE B 354 5.81 -0.06 9.51
N ALA B 355 4.81 0.16 10.36
CA ALA B 355 3.41 0.14 9.97
C ALA B 355 2.64 1.02 10.92
N LEU B 356 1.48 1.53 10.48
CA LEU B 356 0.62 2.37 11.30
C LEU B 356 -0.84 1.96 11.11
N THR B 357 -1.65 2.25 12.11
CA THR B 357 -3.07 1.87 12.06
C THR B 357 -3.92 2.65 11.04
N ASP B 358 -3.37 3.71 10.43
CA ASP B 358 -4.17 4.43 9.45
C ASP B 358 -4.50 3.56 8.24
N VAL B 359 -3.50 2.85 7.75
CA VAL B 359 -3.64 2.06 6.55
C VAL B 359 -3.39 0.56 6.72
N TRP B 360 -2.79 0.13 7.84
CA TRP B 360 -2.51 -1.29 8.02
C TRP B 360 -3.60 -2.05 8.81
N GLY B 361 -4.51 -1.32 9.44
CA GLY B 361 -5.59 -1.94 10.19
C GLY B 361 -5.38 -1.82 11.70
N PRO B 362 -6.40 -2.21 12.47
CA PRO B 362 -6.45 -1.88 13.89
C PRO B 362 -5.37 -2.53 14.75
N LEU B 363 -4.76 -3.61 14.29
CA LEU B 363 -3.72 -4.26 15.10
C LEU B 363 -2.28 -3.89 14.68
N ALA B 364 -2.14 -2.89 13.81
CA ALA B 364 -0.81 -2.52 13.31
C ALA B 364 0.19 -2.07 14.36
N GLY B 365 -0.30 -1.55 15.49
CA GLY B 365 0.55 -1.15 16.58
C GLY B 365 1.32 -2.31 17.18
N ASP B 366 0.86 -3.54 16.96
CA ASP B 366 1.57 -4.72 17.43
C ASP B 366 2.75 -5.14 16.57
N ILE B 367 2.88 -4.56 15.38
CA ILE B 367 4.01 -4.84 14.51
C ILE B 367 5.30 -4.28 15.07
C BCT C . 5.32 17.45 1.58
O1 BCT C . 4.30 16.64 1.45
O2 BCT C . 6.44 17.06 2.08
O3 BCT C . 5.13 18.65 1.16
C1 GOL D . 7.75 27.22 16.78
O1 GOL D . 6.46 26.61 16.86
C2 GOL D . 8.50 26.92 18.06
O2 GOL D . 9.65 27.77 18.15
C3 GOL D . 8.98 25.47 18.02
O3 GOL D . 9.66 25.10 19.22
C BCT E . -5.76 -17.47 -0.84
O1 BCT E . -6.20 -17.21 -2.01
O2 BCT E . -5.59 -18.65 -0.46
O3 BCT E . -5.49 -16.52 0.04
#